data_5DS5
#
_entry.id   5DS5
#
_cell.length_a   75.656
_cell.length_b   165.928
_cell.length_c   167.258
_cell.angle_alpha   90.00
_cell.angle_beta   90.00
_cell.angle_gamma   90.00
#
_symmetry.space_group_name_H-M   'P 21 21 21'
#
loop_
_entity.id
_entity.type
_entity.pdbx_description
1 polymer 'CRISPR-associated endonuclease Cas1'
2 polymer 'CRISPR-associated endoribonuclease Cas2'
3 polymer 'DNA (28-MER)'
4 polymer 'DNA (28-MER)'
5 non-polymer 'MAGNESIUM ION'
#
loop_
_entity_poly.entity_id
_entity_poly.type
_entity_poly.pdbx_seq_one_letter_code
_entity_poly.pdbx_strand_id
1 'polypeptide(L)'
;SMTWLPLNPIPLKDRVSMIFLQYGQIDVIDGAFVLIDKTGIRTHIPVGSVACIMLEPGTRVSHAAVRLAAQVGTLLVWVG
EAGVRVYASGQPGGARSDKLLYQAKLALDEDLRLKVVRKMFELRFGEPAPARRSVEQLRGIEGSRVRATYALLAKQYGVT
WNGRRYDPKDWEKGDTINQCISAATSCLYGVTEAAILAAGYAPAIGFVHTGKPLSFVYDIADIIKFDTVVPKAFEIARRN
PGEPDREVRLACRDIFRSSKTLAKLIPLIEDVLAAGEIQPPAPPEDAQPVAIPLPVSLGDAGHRSS
;
A,B,C,D
2 'polypeptide(L)'
;MMSMLVVVTENVPPRLRGRLAIWLLEVRAGVYVGDVSAKIREMIWEQIAGLAEEGNVVMAWATNTETGFEFQTFGLNRRT
PVDLDGLRLVSFLPVGSSENLYFQ
;
E,F
3 'polydeoxyribonucleotide'
;(DA)(DA)(DA)(DC)(DA)(DC)(DC)(DA)(DG)(DA)(DA)(DC)(DG)(DA)(DG)(DT)(DA)(DG)(DT)(DA)
(DA)(DA)(DT)(DT)(DG)(DG)(DG)(DC)
;
G
4 'polydeoxyribonucleotide'
;(DA)(DT)(DT)(DT)(DA)(DC)(DT)(DA)(DC)(DT)(DC)(DG)(DT)(DT)(DC)(DT)(DG)(DG)(DT)(DG)
(DT)(DT)(DT)(DC)(DT)(DC)(DG)(DT)
;
H
#
# COMPACT_ATOMS: atom_id res chain seq x y z
N SER A 17 0.81 -49.14 24.52
CA SER A 17 0.20 -49.52 23.25
C SER A 17 -0.22 -48.29 22.44
N MET A 18 -1.51 -48.20 22.12
CA MET A 18 -2.02 -47.13 21.29
C MET A 18 -3.51 -46.90 21.56
N ILE A 19 -4.00 -45.68 21.35
CA ILE A 19 -5.40 -45.37 21.57
C ILE A 19 -6.00 -44.45 20.50
N PHE A 20 -7.26 -44.70 20.13
CA PHE A 20 -7.98 -43.86 19.19
C PHE A 20 -9.06 -43.04 19.87
N LEU A 21 -9.06 -41.73 19.62
CA LEU A 21 -10.04 -40.83 20.22
C LEU A 21 -10.83 -40.11 19.13
N GLN A 22 -12.14 -40.03 19.31
CA GLN A 22 -13.01 -39.41 18.32
C GLN A 22 -14.18 -38.69 18.97
N TYR A 23 -14.61 -37.59 18.34
CA TYR A 23 -15.83 -36.87 18.71
C TYR A 23 -15.84 -36.51 20.19
N GLY A 24 -15.00 -35.55 20.58
CA GLY A 24 -14.97 -35.10 21.96
C GLY A 24 -13.82 -34.16 22.26
N GLN A 25 -13.90 -33.47 23.39
CA GLN A 25 -12.85 -32.56 23.81
C GLN A 25 -11.88 -33.25 24.77
N ILE A 26 -10.59 -32.95 24.64
CA ILE A 26 -9.60 -33.55 25.52
C ILE A 26 -9.12 -32.55 26.56
N ASP A 27 -9.44 -32.80 27.82
CA ASP A 27 -9.02 -31.91 28.90
C ASP A 27 -8.33 -32.63 30.07
N VAL A 28 -8.02 -31.84 31.09
CA VAL A 28 -7.47 -32.30 32.36
C VAL A 28 -8.32 -31.68 33.46
N ILE A 29 -9.53 -32.21 33.62
CA ILE A 29 -10.51 -31.67 34.56
C ILE A 29 -10.02 -31.53 35.99
N ASP A 30 -9.46 -32.58 36.57
CA ASP A 30 -8.86 -32.50 37.92
C ASP A 30 -7.82 -33.59 38.15
N GLY A 31 -6.79 -33.59 37.30
CA GLY A 31 -5.63 -34.44 37.45
C GLY A 31 -5.45 -35.61 36.49
N ALA A 32 -6.45 -35.90 35.66
CA ALA A 32 -6.36 -37.04 34.76
C ALA A 32 -6.81 -36.70 33.35
N PHE A 33 -6.30 -37.44 32.36
CA PHE A 33 -6.69 -37.29 30.96
C PHE A 33 -8.14 -37.71 30.75
N VAL A 34 -8.96 -36.80 30.23
CA VAL A 34 -10.37 -37.09 30.01
C VAL A 34 -10.87 -36.76 28.59
N LEU A 35 -11.83 -37.54 28.12
CA LEU A 35 -12.48 -37.31 26.84
C LEU A 35 -13.96 -36.98 27.08
N ILE A 36 -14.35 -35.74 26.83
CA ILE A 36 -15.72 -35.32 27.07
C ILE A 36 -16.61 -35.57 25.86
N ASP A 37 -17.61 -36.42 26.05
CA ASP A 37 -18.51 -36.83 24.99
C ASP A 37 -19.59 -35.78 24.74
N LYS A 38 -20.38 -35.98 23.69
CA LYS A 38 -21.49 -35.09 23.36
C LYS A 38 -22.58 -35.17 24.42
N THR A 39 -22.58 -36.27 25.17
CA THR A 39 -23.55 -36.45 26.24
C THR A 39 -23.03 -35.90 27.56
N GLY A 40 -21.79 -35.40 27.53
CA GLY A 40 -21.19 -34.78 28.70
C GLY A 40 -20.60 -35.80 29.65
N ILE A 41 -20.46 -37.04 29.17
CA ILE A 41 -19.89 -38.11 29.98
C ILE A 41 -18.37 -38.06 29.98
N ARG A 42 -17.79 -38.28 31.16
CA ARG A 42 -16.34 -38.25 31.33
C ARG A 42 -15.78 -39.65 31.15
N THR A 43 -14.66 -39.73 30.43
CA THR A 43 -13.98 -41.01 30.17
C THR A 43 -12.50 -40.92 30.53
N HIS A 44 -12.13 -41.51 31.66
CA HIS A 44 -10.75 -41.48 32.11
C HIS A 44 -9.83 -42.19 31.13
N ILE A 45 -8.74 -41.52 30.77
CA ILE A 45 -7.74 -42.07 29.88
C ILE A 45 -6.38 -42.08 30.59
N PRO A 46 -5.76 -43.25 30.70
CA PRO A 46 -4.44 -43.33 31.31
C PRO A 46 -3.33 -42.83 30.37
N VAL A 47 -2.62 -41.78 30.78
CA VAL A 47 -1.54 -41.24 29.96
C VAL A 47 -0.37 -42.20 29.98
N GLY A 48 -0.36 -43.10 30.96
CA GLY A 48 0.58 -44.19 30.96
C GLY A 48 0.07 -45.22 29.98
N SER A 49 0.93 -46.15 29.57
CA SER A 49 0.53 -47.20 28.65
C SER A 49 -0.01 -46.68 27.31
N VAL A 50 0.45 -45.50 26.89
CA VAL A 50 0.04 -44.98 25.59
C VAL A 50 1.23 -44.32 24.88
N ALA A 51 1.88 -45.10 24.02
CA ALA A 51 2.99 -44.62 23.22
C ALA A 51 2.53 -43.49 22.30
N CYS A 52 1.33 -43.65 21.75
CA CYS A 52 0.79 -42.68 20.79
C CYS A 52 -0.72 -42.54 20.87
N ILE A 53 -1.21 -41.31 20.73
CA ILE A 53 -2.63 -41.05 20.71
C ILE A 53 -3.07 -40.51 19.36
N MET A 54 -4.00 -41.21 18.71
CA MET A 54 -4.50 -40.79 17.41
C MET A 54 -5.78 -39.99 17.53
N LEU A 55 -5.75 -38.76 17.02
CA LEU A 55 -6.87 -37.86 17.13
C LEU A 55 -7.69 -37.80 15.85
N GLU A 56 -8.83 -38.46 15.87
CA GLU A 56 -9.74 -38.49 14.72
C GLU A 56 -10.50 -37.17 14.64
N PRO A 57 -11.09 -36.85 13.48
CA PRO A 57 -11.84 -35.60 13.33
C PRO A 57 -12.96 -35.43 14.35
N GLY A 58 -13.16 -34.21 14.82
CA GLY A 58 -14.18 -33.91 15.81
C GLY A 58 -13.62 -33.74 17.20
N THR A 59 -12.29 -33.76 17.30
CA THR A 59 -11.61 -33.67 18.59
C THR A 59 -11.02 -32.29 18.87
N ARG A 60 -11.13 -31.87 20.13
CA ARG A 60 -10.56 -30.61 20.59
C ARG A 60 -9.62 -30.83 21.79
N VAL A 61 -8.34 -30.52 21.60
CA VAL A 61 -7.37 -30.75 22.66
C VAL A 61 -7.04 -29.47 23.43
N SER A 62 -7.09 -29.56 24.75
CA SER A 62 -6.76 -28.42 25.61
C SER A 62 -5.25 -28.32 25.82
N HIS A 63 -4.80 -27.12 26.17
CA HIS A 63 -3.38 -26.87 26.42
C HIS A 63 -2.84 -27.76 27.54
N ALA A 64 -3.62 -27.92 28.60
CA ALA A 64 -3.20 -28.70 29.75
C ALA A 64 -3.04 -30.18 29.38
N ALA A 65 -3.88 -30.64 28.46
CA ALA A 65 -3.81 -32.03 28.00
C ALA A 65 -2.53 -32.28 27.23
N VAL A 66 -2.17 -31.33 26.37
CA VAL A 66 -0.94 -31.42 25.59
C VAL A 66 0.28 -31.38 26.50
N ARG A 67 0.19 -30.58 27.56
CA ARG A 67 1.29 -30.45 28.52
C ARG A 67 1.52 -31.78 29.23
N LEU A 68 0.43 -32.42 29.65
CA LEU A 68 0.53 -33.70 30.34
C LEU A 68 1.04 -34.79 29.40
N ALA A 69 0.59 -34.75 28.15
CA ALA A 69 1.01 -35.72 27.14
C ALA A 69 2.51 -35.61 26.88
N ALA A 70 3.03 -34.40 27.00
CA ALA A 70 4.44 -34.14 26.77
C ALA A 70 5.28 -34.65 27.95
N GLN A 71 4.71 -34.56 29.15
CA GLN A 71 5.40 -35.00 30.35
C GLN A 71 5.64 -36.50 30.34
N VAL A 72 4.62 -37.25 29.93
CA VAL A 72 4.70 -38.71 29.89
C VAL A 72 5.30 -39.22 28.58
N GLY A 73 5.69 -38.30 27.71
CA GLY A 73 6.38 -38.66 26.48
C GLY A 73 5.48 -39.37 25.47
N THR A 74 4.23 -38.94 25.41
CA THR A 74 3.26 -39.55 24.49
C THR A 74 3.14 -38.77 23.19
N LEU A 75 3.33 -39.47 22.07
CA LEU A 75 3.22 -38.87 20.75
C LEU A 75 1.77 -38.54 20.41
N LEU A 76 1.53 -37.33 19.93
CA LEU A 76 0.20 -36.93 19.51
C LEU A 76 0.15 -36.83 17.98
N VAL A 77 -0.74 -37.60 17.37
CA VAL A 77 -0.86 -37.60 15.92
C VAL A 77 -2.28 -37.28 15.48
N TRP A 78 -2.44 -36.22 14.68
CA TRP A 78 -3.74 -35.90 14.13
C TRP A 78 -3.98 -36.68 12.85
N VAL A 79 -4.93 -37.60 12.93
CA VAL A 79 -5.24 -38.54 11.86
C VAL A 79 -6.64 -38.27 11.35
N GLY A 80 -6.99 -38.90 10.24
CA GLY A 80 -8.35 -38.77 9.74
C GLY A 80 -9.15 -39.83 10.48
N GLU A 81 -10.26 -40.28 9.91
CA GLU A 81 -11.07 -41.25 10.63
C GLU A 81 -10.40 -42.63 10.58
N ALA A 82 -10.21 -43.23 11.74
CA ALA A 82 -9.52 -44.52 11.88
C ALA A 82 -8.11 -44.46 11.30
N GLY A 83 -7.51 -43.28 11.30
CA GLY A 83 -6.15 -43.10 10.85
C GLY A 83 -6.00 -43.20 9.34
N VAL A 84 -7.11 -43.03 8.63
CA VAL A 84 -7.10 -43.12 7.17
C VAL A 84 -6.27 -42.01 6.52
N ARG A 85 -6.28 -40.83 7.12
CA ARG A 85 -5.55 -39.68 6.60
C ARG A 85 -4.61 -39.10 7.66
N VAL A 86 -3.36 -38.81 7.28
CA VAL A 86 -2.47 -38.13 8.20
C VAL A 86 -2.48 -36.64 7.87
N TYR A 87 -2.67 -35.81 8.89
CA TYR A 87 -2.79 -34.37 8.68
C TYR A 87 -1.70 -33.60 9.41
N ALA A 88 -1.48 -33.97 10.66
CA ALA A 88 -0.39 -33.41 11.46
C ALA A 88 0.00 -34.37 12.56
N SER A 89 1.27 -34.33 12.95
CA SER A 89 1.73 -35.15 14.06
C SER A 89 2.54 -34.30 15.02
N GLY A 90 2.57 -34.70 16.29
CA GLY A 90 3.36 -33.99 17.26
C GLY A 90 4.82 -34.29 16.99
N GLN A 91 5.70 -33.55 17.65
CA GLN A 91 7.14 -33.67 17.45
C GLN A 91 7.54 -33.81 15.97
N PRO A 92 7.18 -32.82 15.13
CA PRO A 92 7.43 -32.89 13.68
C PRO A 92 8.91 -33.03 13.32
N GLY A 93 9.21 -33.83 12.30
CA GLY A 93 10.59 -34.02 11.89
C GLY A 93 11.24 -35.00 12.84
N GLY A 94 10.44 -35.97 13.32
CA GLY A 94 10.92 -36.98 14.25
C GLY A 94 11.29 -36.41 15.61
N ALA A 95 11.42 -37.29 16.59
CA ALA A 95 11.76 -36.90 17.96
C ALA A 95 12.83 -37.80 18.51
N ARG A 96 12.99 -38.98 17.90
CA ARG A 96 14.00 -39.91 18.35
C ARG A 96 15.24 -39.76 17.47
N SER A 97 16.36 -39.37 18.07
CA SER A 97 17.60 -39.19 17.33
C SER A 97 18.16 -40.54 16.86
N ASP A 98 18.15 -41.50 17.78
CA ASP A 98 18.70 -42.82 17.53
C ASP A 98 17.96 -43.60 16.45
N LYS A 99 16.63 -43.49 16.39
CA LYS A 99 15.88 -44.25 15.39
C LYS A 99 15.99 -43.66 13.99
N LEU A 100 16.06 -42.33 13.90
CA LEU A 100 16.25 -41.67 12.62
C LEU A 100 17.63 -41.98 12.05
N LEU A 101 18.64 -41.91 12.91
CA LEU A 101 20.02 -42.16 12.49
C LEU A 101 20.24 -43.64 12.19
N TYR A 102 19.50 -44.50 12.89
CA TYR A 102 19.53 -45.94 12.60
C TYR A 102 19.01 -46.20 11.20
N GLN A 103 17.84 -45.62 10.91
CA GLN A 103 17.21 -45.74 9.60
C GLN A 103 18.11 -45.15 8.51
N ALA A 104 18.76 -44.04 8.82
CA ALA A 104 19.64 -43.38 7.88
C ALA A 104 20.82 -44.29 7.53
N LYS A 105 21.38 -44.92 8.56
CA LYS A 105 22.51 -45.83 8.40
C LYS A 105 22.19 -46.99 7.45
N LEU A 106 20.96 -47.50 7.55
CA LEU A 106 20.53 -48.62 6.73
C LEU A 106 20.34 -48.22 5.26
N ALA A 107 20.02 -46.96 5.00
CA ALA A 107 19.71 -46.50 3.66
C ALA A 107 20.93 -46.00 2.91
N LEU A 108 21.89 -45.42 3.64
CA LEU A 108 23.07 -44.85 3.03
C LEU A 108 24.00 -45.94 2.51
N ASP A 109 24.20 -46.97 3.33
CA ASP A 109 25.07 -48.08 2.97
C ASP A 109 24.36 -49.06 2.04
N GLU A 110 24.98 -49.34 0.90
CA GLU A 110 24.38 -50.19 -0.14
C GLU A 110 24.18 -51.64 0.33
N ASP A 111 25.11 -52.16 1.11
CA ASP A 111 25.02 -53.53 1.59
C ASP A 111 23.82 -53.74 2.51
N LEU A 112 23.66 -52.83 3.46
CA LEU A 112 22.54 -52.88 4.41
C LEU A 112 21.21 -52.58 3.72
N ARG A 113 21.24 -51.68 2.74
CA ARG A 113 20.05 -51.32 1.97
C ARG A 113 19.44 -52.53 1.28
N LEU A 114 20.29 -53.36 0.68
CA LEU A 114 19.84 -54.55 -0.01
C LEU A 114 19.21 -55.57 0.93
N LYS A 115 19.78 -55.69 2.13
CA LYS A 115 19.28 -56.61 3.14
C LYS A 115 17.87 -56.25 3.58
N VAL A 116 17.62 -54.95 3.70
CA VAL A 116 16.31 -54.45 4.09
C VAL A 116 15.27 -54.71 3.00
N VAL A 117 15.67 -54.50 1.75
CA VAL A 117 14.79 -54.75 0.61
C VAL A 117 14.36 -56.21 0.52
N ARG A 118 15.31 -57.12 0.76
CA ARG A 118 15.02 -58.55 0.70
C ARG A 118 13.98 -58.95 1.74
N LYS A 119 14.02 -58.34 2.91
CA LYS A 119 13.05 -58.61 3.96
C LYS A 119 11.67 -58.14 3.55
N MET A 120 11.62 -56.96 2.92
CA MET A 120 10.36 -56.42 2.41
C MET A 120 9.77 -57.37 1.36
N PHE A 121 10.63 -57.87 0.48
CA PHE A 121 10.22 -58.81 -0.55
C PHE A 121 9.68 -60.10 0.06
N GLU A 122 10.38 -60.64 1.04
CA GLU A 122 10.02 -61.91 1.66
C GLU A 122 8.70 -61.79 2.42
N LEU A 123 8.53 -60.70 3.15
CA LEU A 123 7.32 -60.45 3.93
C LEU A 123 6.13 -60.22 3.01
N ARG A 124 6.42 -59.78 1.79
CA ARG A 124 5.40 -59.42 0.82
C ARG A 124 4.77 -60.62 0.12
N PHE A 125 5.61 -61.49 -0.40
CA PHE A 125 5.15 -62.61 -1.22
C PHE A 125 5.07 -63.91 -0.43
N GLY A 126 5.67 -63.92 0.76
CA GLY A 126 5.63 -65.09 1.62
C GLY A 126 6.75 -66.07 1.35
N GLU A 127 7.68 -65.66 0.49
CA GLU A 127 8.81 -66.50 0.14
C GLU A 127 10.07 -65.67 -0.08
N PRO A 128 11.24 -66.22 0.27
CA PRO A 128 12.53 -65.53 0.11
C PRO A 128 12.81 -65.09 -1.32
N ALA A 129 13.51 -63.97 -1.47
CA ALA A 129 13.86 -63.45 -2.79
C ALA A 129 14.99 -64.25 -3.40
N PRO A 130 15.03 -64.31 -4.74
CA PRO A 130 16.13 -65.00 -5.44
C PRO A 130 17.50 -64.42 -5.07
N ALA A 131 18.50 -65.28 -5.04
CA ALA A 131 19.84 -64.90 -4.58
C ALA A 131 20.58 -64.03 -5.61
N ARG A 132 21.52 -63.25 -5.10
CA ARG A 132 22.41 -62.42 -5.91
C ARG A 132 21.65 -61.50 -6.86
N ARG A 133 20.58 -60.91 -6.35
CA ARG A 133 19.79 -59.92 -7.09
C ARG A 133 20.00 -58.55 -6.45
N SER A 134 20.10 -57.52 -7.29
CA SER A 134 20.28 -56.17 -6.78
C SER A 134 18.92 -55.52 -6.54
N VAL A 135 18.91 -54.36 -5.90
CA VAL A 135 17.69 -53.63 -5.61
C VAL A 135 16.90 -53.30 -6.89
N GLU A 136 17.62 -52.84 -7.89
CA GLU A 136 17.00 -52.52 -9.18
C GLU A 136 16.41 -53.75 -9.86
N GLN A 137 17.10 -54.88 -9.70
CA GLN A 137 16.65 -56.14 -10.30
C GLN A 137 15.43 -56.67 -9.55
N LEU A 138 15.44 -56.50 -8.23
CA LEU A 138 14.30 -56.88 -7.40
C LEU A 138 13.09 -56.01 -7.70
N ARG A 139 13.33 -54.76 -8.09
CA ARG A 139 12.25 -53.83 -8.43
C ARG A 139 11.51 -54.28 -9.67
N GLY A 140 12.23 -54.90 -10.60
CA GLY A 140 11.65 -55.40 -11.82
C GLY A 140 10.75 -56.59 -11.56
N ILE A 141 11.17 -57.46 -10.65
CA ILE A 141 10.37 -58.60 -10.25
C ILE A 141 9.06 -58.17 -9.60
N GLU A 142 9.13 -57.21 -8.69
CA GLU A 142 7.95 -56.69 -8.00
C GLU A 142 6.89 -56.21 -8.98
N GLY A 143 7.30 -55.36 -9.92
CA GLY A 143 6.40 -54.81 -10.91
C GLY A 143 5.71 -55.91 -11.70
N SER A 144 6.47 -56.94 -12.06
CA SER A 144 5.92 -58.09 -12.77
C SER A 144 4.90 -58.83 -11.91
N ARG A 145 5.21 -59.00 -10.63
CA ARG A 145 4.33 -59.69 -9.70
C ARG A 145 3.03 -58.93 -9.44
N VAL A 146 3.13 -57.62 -9.31
CA VAL A 146 1.96 -56.78 -9.04
C VAL A 146 0.92 -56.81 -10.15
N ARG A 147 1.38 -56.59 -11.38
CA ARG A 147 0.50 -56.62 -12.55
C ARG A 147 -0.16 -57.98 -12.73
N ALA A 148 0.57 -59.04 -12.43
CA ALA A 148 0.02 -60.38 -12.48
C ALA A 148 -1.06 -60.56 -11.42
N THR A 149 -0.82 -59.99 -10.24
CA THR A 149 -1.77 -60.07 -9.13
C THR A 149 -3.07 -59.33 -9.48
N TYR A 150 -2.94 -58.15 -10.06
CA TYR A 150 -4.10 -57.39 -10.53
C TYR A 150 -4.95 -58.20 -11.49
N ALA A 151 -4.29 -58.89 -12.42
CA ALA A 151 -4.98 -59.71 -13.41
C ALA A 151 -5.74 -60.86 -12.75
N LEU A 152 -5.10 -61.49 -11.77
CA LEU A 152 -5.72 -62.60 -11.05
C LEU A 152 -6.95 -62.11 -10.27
N LEU A 153 -6.78 -60.98 -9.59
CA LEU A 153 -7.86 -60.36 -8.83
C LEU A 153 -9.01 -59.95 -9.75
N ALA A 154 -8.66 -59.56 -10.97
CA ALA A 154 -9.66 -59.17 -11.97
C ALA A 154 -10.54 -60.36 -12.32
N LYS A 155 -9.93 -61.53 -12.43
CA LYS A 155 -10.64 -62.75 -12.75
C LYS A 155 -11.54 -63.19 -11.61
N GLN A 156 -11.09 -62.97 -10.38
CA GLN A 156 -11.86 -63.40 -9.21
C GLN A 156 -13.10 -62.54 -8.96
N TYR A 157 -12.99 -61.22 -9.16
CA TYR A 157 -14.14 -60.35 -8.96
C TYR A 157 -14.70 -59.83 -10.28
N GLY A 158 -14.91 -60.71 -11.26
CA GLY A 158 -15.42 -60.36 -12.58
C GLY A 158 -15.29 -58.91 -13.08
N VAL A 159 -14.11 -58.33 -12.97
CA VAL A 159 -13.86 -56.95 -13.41
C VAL A 159 -12.96 -56.87 -14.64
N THR A 160 -13.36 -56.05 -15.61
CA THR A 160 -12.56 -55.81 -16.80
C THR A 160 -11.31 -54.99 -16.46
N TRP A 161 -10.15 -55.62 -16.60
CA TRP A 161 -8.88 -54.98 -16.22
C TRP A 161 -7.98 -54.70 -17.42
N ASN A 162 -7.50 -53.47 -17.52
CA ASN A 162 -6.57 -53.08 -18.58
C ASN A 162 -5.28 -52.51 -18.01
N GLY A 163 -5.30 -52.14 -16.74
CA GLY A 163 -4.13 -51.61 -16.07
C GLY A 163 -4.46 -50.51 -15.09
N ASP A 175 -13.39 -45.00 -15.86
CA ASP A 175 -12.76 -46.18 -15.29
C ASP A 175 -12.98 -46.23 -13.78
N THR A 176 -13.94 -47.03 -13.34
CA THR A 176 -14.30 -47.08 -11.93
C THR A 176 -13.39 -47.98 -11.08
N ILE A 177 -12.57 -48.80 -11.73
CA ILE A 177 -11.75 -49.75 -10.96
C ILE A 177 -10.48 -49.07 -10.42
N ASN A 178 -9.81 -48.30 -11.28
CA ASN A 178 -8.59 -47.61 -10.87
C ASN A 178 -8.90 -46.51 -9.87
N GLN A 179 -10.05 -45.86 -10.05
CA GLN A 179 -10.51 -44.83 -9.13
C GLN A 179 -10.69 -45.40 -7.73
N CYS A 180 -11.10 -46.66 -7.66
CA CYS A 180 -11.30 -47.34 -6.38
C CYS A 180 -9.96 -47.75 -5.78
N ILE A 181 -9.07 -48.25 -6.62
CA ILE A 181 -7.74 -48.68 -6.17
C ILE A 181 -6.93 -47.49 -5.67
N SER A 182 -6.97 -46.40 -6.43
CA SER A 182 -6.26 -45.19 -6.06
C SER A 182 -6.79 -44.61 -4.76
N ALA A 183 -8.09 -44.79 -4.54
CA ALA A 183 -8.72 -44.33 -3.31
C ALA A 183 -8.37 -45.25 -2.15
N ALA A 184 -8.17 -46.52 -2.48
CA ALA A 184 -7.85 -47.54 -1.47
C ALA A 184 -6.44 -47.38 -0.92
N THR A 185 -5.47 -47.25 -1.83
CA THR A 185 -4.07 -47.12 -1.43
C THR A 185 -3.80 -45.84 -0.66
N SER A 186 -4.59 -44.80 -0.91
CA SER A 186 -4.48 -43.55 -0.19
C SER A 186 -4.81 -43.77 1.28
N CYS A 187 -5.83 -44.58 1.52
CA CYS A 187 -6.23 -44.95 2.86
C CYS A 187 -5.13 -45.75 3.55
N LEU A 188 -4.49 -46.63 2.78
CA LEU A 188 -3.42 -47.47 3.27
C LEU A 188 -2.19 -46.65 3.63
N TYR A 189 -1.91 -45.62 2.84
CA TYR A 189 -0.78 -44.74 3.07
C TYR A 189 -0.96 -43.98 4.39
N GLY A 190 -2.21 -43.77 4.77
CA GLY A 190 -2.54 -43.10 6.01
C GLY A 190 -2.11 -43.86 7.25
N VAL A 191 -2.60 -45.08 7.40
CA VAL A 191 -2.28 -45.89 8.57
C VAL A 191 -0.81 -46.31 8.54
N THR A 192 -0.23 -46.40 7.34
CA THR A 192 1.17 -46.77 7.22
C THR A 192 2.06 -45.65 7.75
N GLU A 193 1.77 -44.42 7.34
CA GLU A 193 2.51 -43.27 7.83
C GLU A 193 2.33 -43.10 9.33
N ALA A 194 1.10 -43.33 9.80
CA ALA A 194 0.78 -43.24 11.21
C ALA A 194 1.57 -44.28 12.01
N ALA A 195 1.78 -45.44 11.41
CA ALA A 195 2.56 -46.50 12.05
C ALA A 195 4.03 -46.10 12.11
N ILE A 196 4.53 -45.55 11.01
CA ILE A 196 5.92 -45.11 10.91
C ILE A 196 6.20 -44.04 11.96
N LEU A 197 5.29 -43.09 12.09
CA LEU A 197 5.42 -42.02 13.07
C LEU A 197 5.40 -42.58 14.50
N ALA A 198 4.48 -43.51 14.74
CA ALA A 198 4.37 -44.15 16.05
C ALA A 198 5.60 -44.99 16.35
N ALA A 199 6.16 -45.59 15.32
CA ALA A 199 7.37 -46.39 15.46
C ALA A 199 8.60 -45.52 15.68
N GLY A 200 8.51 -44.27 15.22
CA GLY A 200 9.58 -43.30 15.43
C GLY A 200 10.56 -43.18 14.28
N TYR A 201 10.15 -43.61 13.09
CA TYR A 201 11.02 -43.54 11.93
C TYR A 201 10.57 -42.45 10.96
N ALA A 202 11.39 -42.18 9.95
CA ALA A 202 11.09 -41.14 8.98
C ALA A 202 10.44 -41.71 7.73
N PRO A 203 9.30 -41.11 7.33
CA PRO A 203 8.55 -41.53 6.13
C PRO A 203 9.26 -41.22 4.83
N ALA A 204 10.24 -40.32 4.88
CA ALA A 204 10.91 -39.85 3.66
C ALA A 204 12.06 -40.74 3.25
N ILE A 205 12.64 -41.46 4.21
CA ILE A 205 13.79 -42.31 3.95
C ILE A 205 13.33 -43.72 3.54
N GLY A 206 13.39 -43.99 2.24
CA GLY A 206 12.90 -45.25 1.70
C GLY A 206 14.01 -46.11 1.12
N PHE A 207 13.74 -47.40 0.97
CA PHE A 207 14.73 -48.35 0.47
C PHE A 207 14.45 -48.76 -0.97
N VAL A 208 13.20 -49.16 -1.25
CA VAL A 208 12.80 -49.50 -2.61
C VAL A 208 12.41 -48.22 -3.36
N HIS A 209 11.48 -47.46 -2.77
CA HIS A 209 11.14 -46.15 -3.28
C HIS A 209 12.08 -45.11 -2.68
N THR A 210 12.55 -44.18 -3.49
CA THR A 210 13.47 -43.14 -3.02
C THR A 210 13.16 -41.78 -3.62
N GLY A 211 13.56 -40.72 -2.91
CA GLY A 211 13.42 -39.36 -3.40
C GLY A 211 12.11 -38.69 -3.03
N LYS A 212 11.06 -39.49 -2.84
CA LYS A 212 9.77 -38.96 -2.46
C LYS A 212 9.70 -38.74 -0.95
N PRO A 213 8.98 -37.68 -0.51
CA PRO A 213 8.85 -37.36 0.91
C PRO A 213 8.08 -38.41 1.71
N LEU A 214 7.48 -39.37 1.02
CA LEU A 214 6.77 -40.47 1.68
C LEU A 214 7.26 -41.82 1.15
N SER A 215 8.52 -41.88 0.77
CA SER A 215 9.10 -43.07 0.16
C SER A 215 9.00 -44.31 1.05
N PHE A 216 9.22 -44.13 2.35
CA PHE A 216 9.18 -45.25 3.28
C PHE A 216 7.75 -45.74 3.51
N VAL A 217 6.79 -44.84 3.38
CA VAL A 217 5.38 -45.19 3.51
C VAL A 217 4.99 -46.17 2.41
N TYR A 218 5.42 -45.88 1.19
CA TYR A 218 5.12 -46.73 0.03
C TYR A 218 5.74 -48.11 0.19
N ASP A 219 6.95 -48.16 0.74
CA ASP A 219 7.67 -49.41 0.95
C ASP A 219 6.89 -50.38 1.82
N ILE A 220 6.43 -49.91 2.97
CA ILE A 220 5.71 -50.74 3.93
C ILE A 220 4.30 -51.06 3.43
N ALA A 221 3.65 -50.06 2.85
CA ALA A 221 2.27 -50.21 2.40
C ALA A 221 2.17 -51.28 1.31
N ASP A 222 3.16 -51.34 0.43
CA ASP A 222 3.15 -52.32 -0.65
C ASP A 222 3.18 -53.75 -0.13
N ILE A 223 3.76 -53.94 1.05
CA ILE A 223 3.89 -55.26 1.64
C ILE A 223 2.55 -55.90 1.99
N ILE A 224 1.64 -55.10 2.55
CA ILE A 224 0.35 -55.61 3.00
C ILE A 224 -0.80 -55.08 2.15
N LYS A 225 -0.46 -54.47 1.03
CA LYS A 225 -1.45 -53.80 0.19
C LYS A 225 -2.46 -54.78 -0.41
N PHE A 226 -1.95 -55.91 -0.88
CA PHE A 226 -2.80 -56.91 -1.54
C PHE A 226 -3.36 -57.93 -0.55
N ASP A 227 -2.98 -57.81 0.71
CA ASP A 227 -3.42 -58.74 1.73
C ASP A 227 -4.89 -58.52 2.12
N THR A 228 -5.35 -57.28 1.99
CA THR A 228 -6.70 -56.94 2.44
C THR A 228 -7.35 -55.80 1.66
N VAL A 229 -6.64 -54.68 1.56
CA VAL A 229 -7.20 -53.44 1.02
C VAL A 229 -7.61 -53.51 -0.46
N VAL A 230 -6.66 -53.83 -1.33
CA VAL A 230 -6.93 -53.88 -2.77
C VAL A 230 -8.07 -54.85 -3.16
N PRO A 231 -8.09 -56.08 -2.59
CA PRO A 231 -9.23 -56.93 -2.95
C PRO A 231 -10.58 -56.34 -2.52
N LYS A 232 -10.57 -55.49 -1.51
CA LYS A 232 -11.79 -54.81 -1.08
C LYS A 232 -12.17 -53.71 -2.06
N ALA A 233 -11.16 -53.13 -2.72
CA ALA A 233 -11.39 -52.09 -3.71
C ALA A 233 -12.07 -52.65 -4.95
N PHE A 234 -11.68 -53.86 -5.33
CA PHE A 234 -12.28 -54.54 -6.46
C PHE A 234 -13.72 -54.92 -6.16
N GLU A 235 -14.00 -55.24 -4.90
CA GLU A 235 -15.35 -55.57 -4.47
C GLU A 235 -16.33 -54.42 -4.67
N ILE A 236 -15.91 -53.22 -4.28
CA ILE A 236 -16.75 -52.04 -4.41
C ILE A 236 -16.95 -51.64 -5.87
N ALA A 237 -15.88 -51.65 -6.65
CA ALA A 237 -15.96 -51.30 -8.06
C ALA A 237 -16.83 -52.29 -8.80
N ARG A 238 -16.89 -53.51 -8.26
CA ARG A 238 -17.72 -54.57 -8.81
C ARG A 238 -19.20 -54.20 -8.74
N ARG A 239 -19.61 -53.60 -7.62
CA ARG A 239 -20.99 -53.18 -7.45
C ARG A 239 -21.26 -51.87 -8.20
N ASN A 240 -20.19 -51.17 -8.56
CA ASN A 240 -20.29 -49.91 -9.31
C ASN A 240 -21.24 -48.88 -8.71
N PRO A 241 -20.85 -48.26 -7.58
CA PRO A 241 -21.74 -47.35 -6.87
C PRO A 241 -21.63 -45.91 -7.35
N GLY A 242 -22.52 -45.04 -6.86
CA GLY A 242 -22.50 -43.63 -7.19
C GLY A 242 -21.32 -42.89 -6.59
N GLU A 243 -20.97 -43.23 -5.36
CA GLU A 243 -19.86 -42.57 -4.67
C GLU A 243 -18.80 -43.60 -4.27
N PRO A 244 -18.02 -44.07 -5.25
CA PRO A 244 -17.01 -45.12 -4.99
C PRO A 244 -15.92 -44.65 -4.03
N ASP A 245 -15.54 -43.38 -4.12
CA ASP A 245 -14.52 -42.80 -3.26
C ASP A 245 -14.87 -42.92 -1.79
N ARG A 246 -16.07 -42.46 -1.43
CA ARG A 246 -16.51 -42.48 -0.05
C ARG A 246 -16.64 -43.90 0.48
N GLU A 247 -17.24 -44.78 -0.31
CA GLU A 247 -17.45 -46.16 0.13
C GLU A 247 -16.14 -46.89 0.37
N VAL A 248 -15.14 -46.63 -0.45
CA VAL A 248 -13.84 -47.26 -0.26
C VAL A 248 -13.16 -46.75 1.01
N ARG A 249 -13.19 -45.44 1.21
CA ARG A 249 -12.60 -44.84 2.41
C ARG A 249 -13.28 -45.37 3.66
N LEU A 250 -14.61 -45.42 3.62
CA LEU A 250 -15.39 -45.94 4.74
C LEU A 250 -15.11 -47.42 4.96
N ALA A 251 -14.98 -48.17 3.86
CA ALA A 251 -14.69 -49.60 3.93
C ALA A 251 -13.31 -49.81 4.54
N CYS A 252 -12.34 -49.00 4.12
CA CYS A 252 -10.99 -49.06 4.65
C CYS A 252 -11.01 -48.74 6.14
N ARG A 253 -11.85 -47.79 6.52
CA ARG A 253 -12.02 -47.42 7.93
C ARG A 253 -12.47 -48.62 8.74
N ASP A 254 -13.50 -49.30 8.24
CA ASP A 254 -14.04 -50.48 8.88
C ASP A 254 -12.99 -51.58 9.00
N ILE A 255 -12.19 -51.72 7.94
CA ILE A 255 -11.13 -52.71 7.90
C ILE A 255 -10.00 -52.40 8.89
N PHE A 256 -9.52 -51.16 8.84
CA PHE A 256 -8.43 -50.73 9.72
C PHE A 256 -8.77 -50.88 11.20
N ARG A 257 -10.03 -50.63 11.55
CA ARG A 257 -10.49 -50.76 12.93
C ARG A 257 -10.62 -52.20 13.38
N SER A 258 -11.41 -52.98 12.66
CA SER A 258 -11.71 -54.37 13.03
C SER A 258 -10.48 -55.26 13.01
N SER A 259 -9.60 -55.04 12.04
CA SER A 259 -8.41 -55.89 11.89
C SER A 259 -7.21 -55.35 12.66
N LYS A 260 -7.37 -54.16 13.22
CA LYS A 260 -6.29 -53.48 13.93
C LYS A 260 -5.02 -53.42 13.08
N THR A 261 -5.17 -52.98 11.84
CA THR A 261 -4.08 -52.95 10.88
C THR A 261 -2.93 -52.08 11.39
N LEU A 262 -3.27 -50.88 11.85
CA LEU A 262 -2.29 -49.94 12.38
C LEU A 262 -1.52 -50.54 13.54
N ALA A 263 -2.23 -51.31 14.37
CA ALA A 263 -1.63 -51.96 15.53
C ALA A 263 -0.63 -53.04 15.10
N LYS A 264 -0.97 -53.76 14.03
CA LYS A 264 -0.14 -54.87 13.57
C LYS A 264 0.96 -54.40 12.62
N LEU A 265 0.90 -53.12 12.24
CA LEU A 265 1.87 -52.53 11.32
C LEU A 265 3.19 -52.21 12.01
N ILE A 266 3.09 -51.61 13.19
CA ILE A 266 4.27 -51.19 13.96
C ILE A 266 5.27 -52.33 14.25
N PRO A 267 4.80 -53.49 14.74
CA PRO A 267 5.80 -54.54 14.96
C PRO A 267 6.42 -55.04 13.66
N LEU A 268 5.66 -54.93 12.58
CA LEU A 268 6.14 -55.34 11.25
C LEU A 268 7.28 -54.45 10.80
N ILE A 269 7.13 -53.15 10.99
CA ILE A 269 8.13 -52.16 10.63
C ILE A 269 9.48 -52.43 11.28
N GLU A 270 9.48 -52.60 12.61
CA GLU A 270 10.70 -52.83 13.36
C GLU A 270 11.38 -54.13 12.93
N ASP A 271 10.57 -55.10 12.50
CA ASP A 271 11.10 -56.37 12.01
C ASP A 271 11.89 -56.14 10.72
N VAL A 272 11.41 -55.22 9.89
CA VAL A 272 12.08 -54.90 8.63
C VAL A 272 13.46 -54.29 8.82
N LEU A 273 13.55 -53.25 9.65
CA LEU A 273 14.83 -52.59 9.86
C LEU A 273 15.78 -53.46 10.69
N ALA A 274 15.23 -54.39 11.45
CA ALA A 274 16.05 -55.30 12.24
C ALA A 274 16.85 -56.19 11.30
N ALA A 275 16.24 -56.51 10.16
CA ALA A 275 16.86 -57.35 9.14
C ALA A 275 18.10 -56.69 8.55
N GLY A 276 18.20 -55.38 8.74
CA GLY A 276 19.35 -54.62 8.26
C GLY A 276 20.64 -54.95 8.98
N GLU A 277 20.52 -55.66 10.10
CA GLU A 277 21.62 -56.06 11.00
C GLU A 277 22.96 -55.37 10.76
N LEU B 5 -8.72 -25.70 -6.24
CA LEU B 5 -8.07 -24.64 -5.47
C LEU B 5 -7.41 -25.17 -4.20
N PRO B 6 -6.22 -25.76 -4.35
CA PRO B 6 -5.39 -26.32 -3.28
C PRO B 6 -4.81 -25.21 -2.40
N LEU B 7 -4.39 -25.57 -1.19
CA LEU B 7 -3.90 -24.58 -0.24
C LEU B 7 -2.44 -24.84 0.14
N ASN B 8 -1.55 -24.05 -0.45
CA ASN B 8 -0.11 -24.22 -0.30
C ASN B 8 0.52 -23.11 0.53
N PRO B 9 1.55 -23.46 1.32
CA PRO B 9 2.26 -22.49 2.18
C PRO B 9 3.06 -21.47 1.39
N ILE B 10 3.22 -20.28 1.98
CA ILE B 10 4.01 -19.21 1.36
C ILE B 10 5.42 -19.21 1.93
N PRO B 11 6.39 -18.64 1.18
CA PRO B 11 7.78 -18.56 1.65
C PRO B 11 7.90 -17.99 3.07
N LEU B 12 8.79 -18.58 3.86
CA LEU B 12 8.89 -18.24 5.28
C LEU B 12 9.41 -16.83 5.50
N LYS B 13 10.27 -16.37 4.60
CA LYS B 13 10.85 -15.03 4.70
C LYS B 13 9.79 -13.96 4.43
N ASP B 14 8.69 -14.36 3.80
CA ASP B 14 7.60 -13.45 3.48
C ASP B 14 6.54 -13.41 4.58
N ARG B 15 6.87 -13.90 5.77
CA ARG B 15 5.88 -14.02 6.83
C ARG B 15 6.13 -13.13 8.03
N VAL B 16 5.12 -13.03 8.89
CA VAL B 16 5.26 -12.41 10.19
C VAL B 16 5.94 -13.39 11.13
N SER B 17 6.79 -12.88 12.02
CA SER B 17 7.62 -13.72 12.88
C SER B 17 6.83 -14.71 13.74
N MET B 18 6.06 -14.19 14.69
CA MET B 18 5.38 -15.05 15.66
C MET B 18 4.14 -14.41 16.27
N ILE B 19 3.22 -15.26 16.74
CA ILE B 19 2.01 -14.81 17.41
C ILE B 19 1.76 -15.66 18.65
N PHE B 20 1.36 -15.03 19.73
CA PHE B 20 1.06 -15.73 20.97
C PHE B 20 -0.45 -15.70 21.25
N LEU B 21 -1.02 -16.87 21.50
CA LEU B 21 -2.45 -16.99 21.76
C LEU B 21 -2.75 -17.61 23.11
N GLN B 22 -3.72 -17.05 23.82
CA GLN B 22 -4.07 -17.54 25.15
C GLN B 22 -5.56 -17.42 25.46
N TYR B 23 -6.07 -18.35 26.26
CA TYR B 23 -7.42 -18.30 26.79
C TYR B 23 -8.53 -18.16 25.75
N GLY B 24 -8.78 -19.24 25.02
CA GLY B 24 -9.84 -19.30 24.04
C GLY B 24 -9.79 -20.57 23.23
N GLN B 25 -10.87 -20.89 22.53
CA GLN B 25 -10.88 -22.08 21.68
C GLN B 25 -10.56 -21.71 20.24
N ILE B 26 -9.86 -22.61 19.55
CA ILE B 26 -9.46 -22.40 18.17
C ILE B 26 -10.32 -23.19 17.21
N ASP B 27 -11.02 -22.51 16.31
CA ASP B 27 -11.89 -23.18 15.35
C ASP B 27 -11.48 -22.85 13.92
N VAL B 28 -12.24 -23.37 12.96
CA VAL B 28 -12.01 -23.08 11.56
C VAL B 28 -13.32 -22.59 10.93
N ILE B 29 -13.79 -21.45 11.41
CA ILE B 29 -14.99 -20.83 10.89
C ILE B 29 -14.83 -20.47 9.42
N ASP B 30 -15.38 -21.33 8.56
CA ASP B 30 -15.38 -21.14 7.11
C ASP B 30 -13.98 -21.01 6.50
N GLY B 31 -13.09 -21.95 6.80
CA GLY B 31 -11.82 -21.99 6.10
C GLY B 31 -10.65 -21.32 6.79
N ALA B 32 -10.90 -20.62 7.89
CA ALA B 32 -9.85 -19.80 8.50
C ALA B 32 -9.72 -19.95 10.00
N PHE B 33 -8.51 -19.66 10.48
CA PHE B 33 -8.15 -19.68 11.89
C PHE B 33 -8.89 -18.63 12.69
N VAL B 34 -9.65 -19.06 13.71
CA VAL B 34 -10.37 -18.11 14.56
C VAL B 34 -10.11 -18.41 16.04
N LEU B 35 -10.02 -17.37 16.85
CA LEU B 35 -9.86 -17.53 18.29
C LEU B 35 -11.06 -16.94 19.04
N ILE B 36 -11.90 -17.81 19.60
CA ILE B 36 -13.09 -17.40 20.34
C ILE B 36 -12.81 -17.29 21.84
N ASP B 37 -13.00 -16.09 22.39
CA ASP B 37 -12.72 -15.83 23.80
C ASP B 37 -13.87 -16.31 24.70
N LYS B 38 -13.68 -16.24 26.01
CA LYS B 38 -14.71 -16.64 26.97
C LYS B 38 -15.91 -15.71 26.90
N THR B 39 -15.68 -14.48 26.43
CA THR B 39 -16.75 -13.50 26.29
C THR B 39 -17.37 -13.62 24.89
N GLY B 40 -16.83 -14.52 24.10
CA GLY B 40 -17.36 -14.80 22.78
C GLY B 40 -16.89 -13.90 21.65
N ILE B 41 -15.81 -13.14 21.86
CA ILE B 41 -15.31 -12.31 20.78
C ILE B 41 -14.44 -13.15 19.84
N ARG B 42 -14.66 -12.98 18.55
CA ARG B 42 -13.92 -13.73 17.53
C ARG B 42 -12.76 -12.94 16.96
N THR B 43 -11.61 -13.58 16.81
CA THR B 43 -10.42 -12.95 16.24
C THR B 43 -9.79 -13.76 15.12
N HIS B 44 -10.03 -13.35 13.87
CA HIS B 44 -9.43 -14.01 12.72
C HIS B 44 -7.92 -13.87 12.75
N ILE B 45 -7.22 -14.98 12.53
CA ILE B 45 -5.76 -14.98 12.51
C ILE B 45 -5.20 -15.49 11.20
N PRO B 46 -4.37 -14.67 10.54
CA PRO B 46 -3.73 -15.04 9.28
C PRO B 46 -2.60 -16.05 9.46
N VAL B 47 -2.94 -17.33 9.43
CA VAL B 47 -1.96 -18.40 9.65
C VAL B 47 -1.03 -18.62 8.47
N GLY B 48 -1.44 -18.16 7.28
CA GLY B 48 -0.59 -18.24 6.12
C GLY B 48 0.53 -17.23 6.15
N SER B 49 0.29 -16.12 6.85
CA SER B 49 1.27 -15.05 6.94
C SER B 49 1.99 -15.06 8.28
N VAL B 50 2.12 -16.23 8.88
CA VAL B 50 2.79 -16.40 10.18
C VAL B 50 3.68 -17.64 10.23
N ALA B 51 4.97 -17.40 10.33
CA ALA B 51 5.96 -18.48 10.42
C ALA B 51 5.74 -19.41 11.62
N CYS B 52 5.37 -18.85 12.77
CA CYS B 52 5.19 -19.68 13.96
C CYS B 52 4.09 -19.18 14.89
N ILE B 53 3.28 -20.10 15.41
CA ILE B 53 2.21 -19.75 16.34
C ILE B 53 2.42 -20.38 17.72
N MET B 54 2.47 -19.52 18.74
CA MET B 54 2.70 -19.96 20.10
C MET B 54 1.39 -20.08 20.89
N LEU B 55 1.10 -21.27 21.41
CA LEU B 55 -0.13 -21.50 22.14
C LEU B 55 0.07 -21.51 23.65
N GLU B 56 -0.31 -20.41 24.31
CA GLU B 56 -0.19 -20.27 25.75
C GLU B 56 -1.30 -21.04 26.48
N PRO B 57 -1.13 -21.30 27.79
CA PRO B 57 -2.14 -22.01 28.58
C PRO B 57 -3.53 -21.39 28.49
N GLY B 58 -4.55 -22.25 28.45
CA GLY B 58 -5.93 -21.80 28.36
C GLY B 58 -6.49 -21.96 26.96
N THR B 59 -5.71 -22.55 26.06
CA THR B 59 -6.15 -22.70 24.68
C THR B 59 -6.63 -24.12 24.39
N ARG B 60 -7.71 -24.21 23.62
CA ARG B 60 -8.24 -25.48 23.17
C ARG B 60 -8.32 -25.47 21.66
N VAL B 61 -7.52 -26.31 21.01
CA VAL B 61 -7.43 -26.34 19.57
C VAL B 61 -8.25 -27.47 18.97
N SER B 62 -9.02 -27.17 17.93
CA SER B 62 -9.82 -28.20 17.26
C SER B 62 -8.96 -28.97 16.28
N HIS B 63 -9.40 -30.18 15.96
CA HIS B 63 -8.70 -31.06 15.03
C HIS B 63 -8.51 -30.40 13.67
N ALA B 64 -9.54 -29.72 13.19
CA ALA B 64 -9.49 -29.05 11.90
C ALA B 64 -8.51 -27.89 11.90
N ALA B 65 -8.38 -27.24 13.06
CA ALA B 65 -7.45 -26.11 13.21
C ALA B 65 -6.00 -26.56 13.07
N VAL B 66 -5.68 -27.69 13.67
CA VAL B 66 -4.34 -28.26 13.59
C VAL B 66 -4.04 -28.65 12.14
N ARG B 67 -5.07 -29.14 11.45
CA ARG B 67 -4.96 -29.53 10.05
C ARG B 67 -4.66 -28.34 9.14
N LEU B 68 -5.36 -27.25 9.38
CA LEU B 68 -5.20 -26.03 8.58
C LEU B 68 -3.80 -25.43 8.76
N ALA B 69 -3.29 -25.49 9.99
CA ALA B 69 -1.96 -24.97 10.30
C ALA B 69 -0.87 -25.71 9.54
N ALA B 70 -1.08 -27.00 9.32
CA ALA B 70 -0.09 -27.83 8.63
C ALA B 70 -0.10 -27.58 7.13
N GLN B 71 -1.28 -27.32 6.56
CA GLN B 71 -1.40 -27.09 5.13
C GLN B 71 -0.71 -25.79 4.72
N VAL B 72 -0.88 -24.75 5.52
CA VAL B 72 -0.27 -23.45 5.22
C VAL B 72 1.16 -23.42 5.75
N GLY B 73 1.58 -24.55 6.33
CA GLY B 73 2.94 -24.73 6.79
C GLY B 73 3.32 -23.89 8.00
N THR B 74 2.36 -23.70 8.90
CA THR B 74 2.62 -22.91 10.11
C THR B 74 2.89 -23.83 11.31
N LEU B 75 4.04 -23.62 11.95
CA LEU B 75 4.39 -24.41 13.12
C LEU B 75 3.56 -23.99 14.33
N LEU B 76 3.02 -24.96 15.05
CA LEU B 76 2.24 -24.70 16.25
C LEU B 76 3.00 -25.12 17.51
N VAL B 77 3.19 -24.18 18.43
CA VAL B 77 3.93 -24.47 19.65
C VAL B 77 3.13 -24.18 20.92
N TRP B 78 2.98 -25.20 21.75
CA TRP B 78 2.36 -25.09 23.06
C TRP B 78 3.42 -24.67 24.07
N VAL B 79 3.30 -23.48 24.65
CA VAL B 79 4.37 -23.02 25.53
C VAL B 79 3.99 -22.94 27.00
N GLY B 80 5.01 -23.02 27.84
CA GLY B 80 4.92 -22.90 29.28
C GLY B 80 5.22 -21.52 29.85
N GLU B 81 5.74 -21.53 31.08
CA GLU B 81 6.14 -20.33 31.79
C GLU B 81 7.42 -19.77 31.18
N ALA B 82 7.43 -18.45 30.98
CA ALA B 82 8.53 -17.74 30.34
C ALA B 82 8.77 -18.27 28.92
N GLY B 83 7.69 -18.74 28.30
CA GLY B 83 7.70 -19.17 26.92
C GLY B 83 8.44 -20.46 26.59
N VAL B 84 8.70 -21.29 27.59
CA VAL B 84 9.39 -22.55 27.35
C VAL B 84 8.55 -23.44 26.46
N ARG B 85 9.18 -24.08 25.47
CA ARG B 85 8.44 -24.93 24.56
C ARG B 85 8.09 -26.25 25.23
N VAL B 86 6.82 -26.63 25.14
CA VAL B 86 6.36 -27.91 25.66
C VAL B 86 6.25 -28.89 24.50
N TYR B 87 5.22 -28.70 23.68
CA TYR B 87 4.96 -29.57 22.55
C TYR B 87 4.90 -28.77 21.25
N ALA B 88 4.87 -29.49 20.13
CA ALA B 88 4.70 -28.86 18.82
C ALA B 88 4.12 -29.85 17.82
N SER B 89 3.36 -29.35 16.86
CA SER B 89 2.80 -30.20 15.81
C SER B 89 3.02 -29.59 14.43
N GLY B 90 3.09 -30.44 13.41
CA GLY B 90 3.27 -29.98 12.04
C GLY B 90 3.19 -31.14 11.07
N GLN B 91 3.21 -30.82 9.78
CA GLN B 91 3.11 -31.80 8.70
C GLN B 91 4.24 -32.84 8.73
N PRO B 92 3.98 -34.02 9.31
CA PRO B 92 5.00 -35.05 9.50
C PRO B 92 5.64 -35.44 8.18
N GLY B 93 4.83 -35.41 7.12
CA GLY B 93 5.30 -35.71 5.79
C GLY B 93 6.35 -34.71 5.35
N GLY B 94 6.13 -33.45 5.69
CA GLY B 94 7.07 -32.40 5.33
C GLY B 94 8.47 -32.71 5.81
N ALA B 95 9.38 -32.81 4.83
CA ALA B 95 10.79 -33.13 4.99
C ALA B 95 11.32 -33.56 3.62
N ARG B 96 12.53 -33.14 3.29
CA ARG B 96 13.14 -33.54 2.02
C ARG B 96 14.04 -34.74 2.22
N SER B 97 13.78 -35.80 1.45
CA SER B 97 14.51 -37.05 1.57
C SER B 97 15.99 -36.86 1.24
N ASP B 98 16.28 -36.12 0.18
CA ASP B 98 17.67 -35.89 -0.24
C ASP B 98 18.42 -35.12 0.84
N LYS B 99 17.74 -34.18 1.48
CA LYS B 99 18.33 -33.34 2.51
C LYS B 99 18.47 -34.06 3.85
N LEU B 100 17.55 -34.98 4.14
CA LEU B 100 17.58 -35.75 5.37
C LEU B 100 18.81 -36.65 5.45
N LEU B 101 19.10 -37.35 4.34
CA LEU B 101 20.25 -38.24 4.30
C LEU B 101 21.54 -37.44 4.27
N TYR B 102 21.47 -36.24 3.70
CA TYR B 102 22.60 -35.31 3.68
C TYR B 102 23.02 -34.91 5.09
N GLN B 103 22.05 -34.44 5.87
CA GLN B 103 22.29 -34.05 7.26
C GLN B 103 22.77 -35.23 8.11
N ALA B 104 22.14 -36.38 7.90
CA ALA B 104 22.47 -37.59 8.65
C ALA B 104 23.89 -38.07 8.37
N LYS B 105 24.26 -38.11 7.10
CA LYS B 105 25.58 -38.56 6.69
C LYS B 105 26.68 -37.68 7.29
N LEU B 106 26.40 -36.39 7.36
CA LEU B 106 27.35 -35.42 7.93
C LEU B 106 27.51 -35.61 9.44
N ALA B 107 26.48 -36.15 10.08
CA ALA B 107 26.46 -36.30 11.53
C ALA B 107 27.04 -37.64 12.00
N LEU B 108 26.89 -38.68 11.18
CA LEU B 108 27.32 -40.02 11.57
C LEU B 108 28.85 -40.17 11.60
N ASP B 109 29.53 -39.64 10.58
CA ASP B 109 30.98 -39.72 10.53
C ASP B 109 31.61 -38.65 11.42
N GLU B 110 32.50 -39.07 12.32
CA GLU B 110 33.10 -38.17 13.30
C GLU B 110 33.94 -37.08 12.66
N ASP B 111 34.66 -37.42 11.60
CA ASP B 111 35.50 -36.45 10.90
C ASP B 111 34.63 -35.39 10.25
N LEU B 112 33.55 -35.82 9.61
CA LEU B 112 32.63 -34.91 8.94
C LEU B 112 31.89 -34.06 9.98
N ARG B 113 31.53 -34.68 11.10
CA ARG B 113 30.85 -34.00 12.19
C ARG B 113 31.69 -32.87 12.77
N LEU B 114 32.97 -33.13 12.95
CA LEU B 114 33.89 -32.14 13.52
C LEU B 114 34.02 -30.92 12.62
N LYS B 115 34.03 -31.13 11.31
CA LYS B 115 34.13 -30.03 10.35
C LYS B 115 32.94 -29.09 10.45
N VAL B 116 31.77 -29.67 10.66
CA VAL B 116 30.53 -28.91 10.80
C VAL B 116 30.53 -28.07 12.08
N VAL B 117 31.00 -28.68 13.17
CA VAL B 117 31.07 -28.00 14.46
C VAL B 117 31.99 -26.78 14.39
N ARG B 118 33.13 -26.95 13.72
CA ARG B 118 34.09 -25.86 13.57
C ARG B 118 33.50 -24.69 12.79
N LYS B 119 32.65 -25.01 11.82
CA LYS B 119 31.99 -23.97 11.03
C LYS B 119 31.02 -23.18 11.91
N MET B 120 30.31 -23.89 12.77
CA MET B 120 29.40 -23.25 13.73
C MET B 120 30.18 -22.33 14.65
N PHE B 121 31.32 -22.80 15.12
CA PHE B 121 32.20 -22.04 16.01
C PHE B 121 32.67 -20.77 15.33
N GLU B 122 33.12 -20.90 14.08
CA GLU B 122 33.65 -19.76 13.34
C GLU B 122 32.58 -18.72 13.04
N LEU B 123 31.40 -19.18 12.64
CA LEU B 123 30.30 -18.27 12.32
C LEU B 123 29.76 -17.57 13.56
N ARG B 124 29.91 -18.22 14.71
CA ARG B 124 29.36 -17.69 15.95
C ARG B 124 30.25 -16.61 16.57
N PHE B 125 31.54 -16.91 16.68
CA PHE B 125 32.46 -16.01 17.36
C PHE B 125 33.25 -15.12 16.40
N GLY B 126 33.21 -15.46 15.11
CA GLY B 126 33.87 -14.67 14.09
C GLY B 126 35.32 -15.04 13.86
N GLU B 127 35.78 -16.10 14.51
CA GLU B 127 37.16 -16.55 14.36
C GLU B 127 37.26 -18.07 14.44
N PRO B 128 38.18 -18.66 13.67
CA PRO B 128 38.39 -20.11 13.67
C PRO B 128 38.76 -20.66 15.05
N ALA B 129 38.30 -21.88 15.34
CA ALA B 129 38.62 -22.56 16.59
C ALA B 129 40.05 -23.08 16.55
N PRO B 130 40.69 -23.22 17.72
CA PRO B 130 42.04 -23.80 17.81
C PRO B 130 42.07 -25.19 17.17
N ALA B 131 43.21 -25.56 16.59
CA ALA B 131 43.31 -26.81 15.85
C ALA B 131 43.33 -28.03 16.77
N ARG B 132 42.88 -29.16 16.23
CA ARG B 132 42.85 -30.44 16.93
C ARG B 132 42.14 -30.37 18.28
N ARG B 133 41.02 -29.67 18.32
CA ARG B 133 40.20 -29.63 19.52
C ARG B 133 38.93 -30.41 19.23
N SER B 134 38.48 -31.18 20.22
CA SER B 134 37.29 -32.01 20.04
C SER B 134 36.02 -31.25 20.38
N VAL B 135 34.87 -31.85 20.06
CA VAL B 135 33.57 -31.24 20.30
C VAL B 135 33.42 -30.90 21.78
N GLU B 136 33.83 -31.83 22.63
CA GLU B 136 33.81 -31.63 24.07
C GLU B 136 34.67 -30.43 24.46
N GLN B 137 35.81 -30.28 23.78
CA GLN B 137 36.73 -29.17 24.05
C GLN B 137 36.19 -27.84 23.54
N LEU B 138 35.57 -27.84 22.36
CA LEU B 138 34.94 -26.61 21.84
C LEU B 138 33.77 -26.21 22.73
N ARG B 139 33.12 -27.21 23.33
CA ARG B 139 32.00 -26.94 24.22
C ARG B 139 32.52 -26.23 25.47
N GLY B 140 33.74 -26.57 25.87
CA GLY B 140 34.37 -25.92 27.01
C GLY B 140 34.76 -24.49 26.67
N ILE B 141 35.26 -24.29 25.46
CA ILE B 141 35.59 -22.96 24.96
C ILE B 141 34.32 -22.12 24.89
N GLU B 142 33.24 -22.74 24.40
CA GLU B 142 31.94 -22.09 24.28
C GLU B 142 31.50 -21.49 25.61
N GLY B 143 31.50 -22.31 26.66
CA GLY B 143 31.08 -21.88 27.97
C GLY B 143 31.84 -20.69 28.54
N SER B 144 33.15 -20.68 28.36
CA SER B 144 33.99 -19.58 28.83
C SER B 144 33.65 -18.28 28.12
N ARG B 145 33.43 -18.38 26.81
CA ARG B 145 33.09 -17.21 26.00
C ARG B 145 31.72 -16.66 26.38
N VAL B 146 30.79 -17.57 26.66
CA VAL B 146 29.43 -17.20 27.04
C VAL B 146 29.40 -16.42 28.36
N ARG B 147 30.13 -16.91 29.36
CA ARG B 147 30.18 -16.23 30.65
C ARG B 147 30.70 -14.80 30.51
N ALA B 148 31.67 -14.62 29.63
CA ALA B 148 32.22 -13.30 29.33
C ALA B 148 31.17 -12.39 28.69
N THR B 149 30.38 -12.98 27.79
CA THR B 149 29.34 -12.23 27.09
C THR B 149 28.29 -11.72 28.07
N TYR B 150 27.88 -12.59 28.99
CA TYR B 150 26.93 -12.22 30.04
C TYR B 150 27.45 -11.05 30.88
N ALA B 151 28.71 -11.12 31.26
CA ALA B 151 29.33 -10.09 32.07
C ALA B 151 29.40 -8.76 31.33
N LEU B 152 29.80 -8.82 30.06
CA LEU B 152 29.94 -7.62 29.23
C LEU B 152 28.58 -6.95 29.01
N LEU B 153 27.58 -7.76 28.67
CA LEU B 153 26.23 -7.27 28.46
C LEU B 153 25.65 -6.64 29.73
N ALA B 154 26.00 -7.23 30.87
CA ALA B 154 25.55 -6.71 32.17
C ALA B 154 26.13 -5.33 32.43
N LYS B 155 27.42 -5.17 32.09
CA LYS B 155 28.12 -3.90 32.29
C LYS B 155 27.61 -2.82 31.35
N GLN B 156 27.25 -3.22 30.14
CA GLN B 156 26.80 -2.27 29.13
C GLN B 156 25.41 -1.70 29.40
N TYR B 157 24.53 -2.49 29.98
CA TYR B 157 23.17 -2.03 30.26
C TYR B 157 22.92 -1.65 31.71
N GLY B 158 23.74 -2.18 32.61
CA GLY B 158 23.56 -1.87 34.03
C GLY B 158 22.57 -2.81 34.68
N VAL B 159 22.77 -4.10 34.48
CA VAL B 159 21.89 -5.13 35.02
C VAL B 159 22.59 -5.88 36.14
N THR B 160 21.90 -6.09 37.25
CA THR B 160 22.45 -6.86 38.35
C THR B 160 22.54 -8.32 37.95
N TRP B 161 23.77 -8.81 37.82
CA TRP B 161 24.01 -10.16 37.35
C TRP B 161 24.65 -11.02 38.44
N ASN B 162 24.07 -12.19 38.68
CA ASN B 162 24.61 -13.13 39.65
C ASN B 162 24.91 -14.47 39.01
N GLY B 163 24.35 -14.69 37.82
CA GLY B 163 24.59 -15.91 37.08
C GLY B 163 23.37 -16.41 36.35
N ARG B 164 23.58 -17.38 35.46
CA ARG B 164 22.48 -17.97 34.72
C ARG B 164 21.79 -19.04 35.56
N ARG B 165 20.51 -18.81 35.87
CA ARG B 165 19.69 -19.79 36.56
C ARG B 165 18.54 -20.24 35.67
N TYR B 166 18.58 -21.50 35.28
CA TYR B 166 17.66 -22.04 34.27
C TYR B 166 16.24 -22.27 34.80
N ASP B 167 16.13 -22.90 35.97
CA ASP B 167 14.83 -23.20 36.54
C ASP B 167 14.21 -21.97 37.21
N PRO B 168 12.91 -21.76 36.97
CA PRO B 168 12.15 -20.61 37.48
C PRO B 168 12.09 -20.50 39.01
N LYS B 169 12.41 -21.56 39.74
CA LYS B 169 12.40 -21.50 41.20
C LYS B 169 13.54 -20.62 41.70
N ASP B 170 14.67 -20.70 41.01
CA ASP B 170 15.90 -20.02 41.44
C ASP B 170 15.88 -18.54 41.07
N TRP B 171 14.78 -18.07 40.51
CA TRP B 171 14.64 -16.66 40.20
C TRP B 171 14.15 -15.92 41.44
N GLU B 172 14.81 -14.81 41.76
CA GLU B 172 14.57 -14.10 43.01
C GLU B 172 13.40 -13.12 42.95
N LYS B 173 12.31 -13.55 42.31
CA LYS B 173 11.07 -12.77 42.25
C LYS B 173 11.27 -11.39 41.60
N GLY B 174 12.13 -10.58 42.21
CA GLY B 174 12.53 -9.29 41.68
C GLY B 174 13.73 -9.39 40.76
N ASP B 175 14.04 -10.61 40.33
CA ASP B 175 15.23 -10.87 39.52
C ASP B 175 15.07 -10.41 38.07
N THR B 176 13.87 -10.63 37.52
CA THR B 176 13.50 -10.34 36.13
C THR B 176 14.53 -10.50 35.00
N ILE B 177 15.80 -10.72 35.31
CA ILE B 177 16.82 -10.79 34.25
C ILE B 177 16.86 -12.17 33.59
N ASN B 178 16.84 -13.23 34.39
CA ASN B 178 16.88 -14.59 33.87
C ASN B 178 15.60 -14.94 33.11
N GLN B 179 14.48 -14.46 33.62
CA GLN B 179 13.19 -14.67 32.98
C GLN B 179 13.18 -14.09 31.56
N CYS B 180 13.91 -12.99 31.37
CA CYS B 180 13.98 -12.34 30.07
C CYS B 180 14.84 -13.14 29.09
N ILE B 181 15.96 -13.65 29.56
CA ILE B 181 16.86 -14.43 28.70
C ILE B 181 16.20 -15.74 28.28
N SER B 182 15.58 -16.43 29.23
CA SER B 182 14.89 -17.69 28.92
C SER B 182 13.70 -17.47 27.99
N ALA B 183 13.05 -16.31 28.13
CA ALA B 183 11.91 -15.99 27.28
C ALA B 183 12.36 -15.54 25.89
N ALA B 184 13.53 -14.91 25.83
CA ALA B 184 14.06 -14.43 24.56
C ALA B 184 14.55 -15.58 23.69
N THR B 185 15.35 -16.46 24.28
CA THR B 185 15.90 -17.60 23.56
C THR B 185 14.79 -18.57 23.13
N SER B 186 13.70 -18.59 23.89
CA SER B 186 12.55 -19.42 23.55
C SER B 186 11.89 -18.96 22.24
N CYS B 187 11.80 -17.65 22.06
CA CYS B 187 11.27 -17.09 20.83
C CYS B 187 12.15 -17.47 19.64
N LEU B 188 13.46 -17.44 19.84
CA LEU B 188 14.40 -17.78 18.78
C LEU B 188 14.32 -19.26 18.44
N TYR B 189 14.17 -20.11 19.46
CA TYR B 189 14.04 -21.55 19.24
C TYR B 189 12.76 -21.87 18.50
N GLY B 190 11.75 -21.02 18.67
CA GLY B 190 10.48 -21.20 18.01
C GLY B 190 10.59 -21.06 16.50
N VAL B 191 11.05 -19.90 16.06
CA VAL B 191 11.19 -19.63 14.64
C VAL B 191 12.27 -20.47 13.98
N THR B 192 13.26 -20.88 14.77
CA THR B 192 14.35 -21.71 14.26
C THR B 192 13.84 -23.10 13.92
N GLU B 193 13.04 -23.68 14.82
CA GLU B 193 12.46 -24.98 14.57
C GLU B 193 11.56 -24.94 13.34
N ALA B 194 10.79 -23.86 13.22
CA ALA B 194 9.92 -23.67 12.07
C ALA B 194 10.72 -23.54 10.78
N ALA B 195 11.89 -22.92 10.89
CA ALA B 195 12.77 -22.75 9.74
C ALA B 195 13.40 -24.07 9.28
N ILE B 196 13.87 -24.85 10.24
CA ILE B 196 14.49 -26.15 9.94
C ILE B 196 13.53 -27.10 9.24
N LEU B 197 12.31 -27.17 9.73
CA LEU B 197 11.29 -28.03 9.14
C LEU B 197 10.95 -27.57 7.72
N ALA B 198 10.80 -26.26 7.56
CA ALA B 198 10.51 -25.68 6.25
C ALA B 198 11.69 -25.88 5.30
N ALA B 199 12.90 -25.89 5.85
CA ALA B 199 14.10 -26.09 5.05
C ALA B 199 14.20 -27.55 4.62
N GLY B 200 13.52 -28.43 5.34
CA GLY B 200 13.45 -29.83 4.97
C GLY B 200 14.45 -30.70 5.70
N TYR B 201 14.94 -30.20 6.82
CA TYR B 201 15.91 -30.94 7.63
C TYR B 201 15.26 -31.45 8.91
N ALA B 202 15.99 -32.30 9.64
CA ALA B 202 15.48 -32.86 10.89
C ALA B 202 16.04 -32.07 12.07
N PRO B 203 15.15 -31.62 12.96
CA PRO B 203 15.55 -30.87 14.16
C PRO B 203 16.25 -31.75 15.19
N ALA B 204 16.12 -33.06 15.06
CA ALA B 204 16.63 -33.99 16.06
C ALA B 204 18.10 -34.35 15.83
N ILE B 205 18.55 -34.23 14.59
CA ILE B 205 19.92 -34.59 14.24
C ILE B 205 20.86 -33.40 14.42
N GLY B 206 21.61 -33.40 15.52
CA GLY B 206 22.48 -32.29 15.86
C GLY B 206 23.96 -32.64 15.84
N PHE B 207 24.79 -31.60 15.76
CA PHE B 207 26.24 -31.80 15.69
C PHE B 207 26.93 -31.44 17.01
N VAL B 208 26.59 -30.27 17.56
CA VAL B 208 27.11 -29.88 18.88
C VAL B 208 26.25 -30.48 19.98
N HIS B 209 24.94 -30.23 19.90
CA HIS B 209 23.99 -30.87 20.79
C HIS B 209 23.58 -32.21 20.20
N THR B 210 23.49 -33.24 21.03
CA THR B 210 23.08 -34.56 20.57
C THR B 210 22.17 -35.25 21.59
N GLY B 211 21.32 -36.16 21.10
CA GLY B 211 20.45 -36.94 21.95
C GLY B 211 19.10 -36.29 22.20
N LYS B 212 19.06 -34.96 22.18
CA LYS B 212 17.82 -34.23 22.36
C LYS B 212 17.06 -34.14 21.05
N PRO B 213 15.71 -34.18 21.11
CA PRO B 213 14.86 -34.13 19.92
C PRO B 213 14.91 -32.79 19.18
N LEU B 214 15.52 -31.78 19.78
CA LEU B 214 15.65 -30.49 19.13
C LEU B 214 17.10 -30.02 19.12
N SER B 215 18.02 -30.97 19.08
CA SER B 215 19.45 -30.68 19.16
C SER B 215 19.93 -29.76 18.03
N PHE B 216 19.41 -29.97 16.82
CA PHE B 216 19.83 -29.16 15.69
C PHE B 216 19.27 -27.75 15.80
N VAL B 217 18.12 -27.61 16.44
CA VAL B 217 17.54 -26.30 16.68
C VAL B 217 18.47 -25.50 17.58
N TYR B 218 18.96 -26.15 18.64
CA TYR B 218 19.88 -25.52 19.58
C TYR B 218 21.20 -25.15 18.91
N ASP B 219 21.70 -26.03 18.05
CA ASP B 219 22.94 -25.79 17.33
C ASP B 219 22.90 -24.52 16.49
N ILE B 220 21.84 -24.38 15.70
CA ILE B 220 21.72 -23.25 14.79
C ILE B 220 21.44 -21.95 15.54
N ALA B 221 20.53 -22.00 16.50
CA ALA B 221 20.11 -20.82 17.26
C ALA B 221 21.24 -20.21 18.09
N ASP B 222 22.07 -21.07 18.69
CA ASP B 222 23.16 -20.61 19.55
C ASP B 222 24.17 -19.74 18.81
N ILE B 223 24.25 -19.91 17.50
CA ILE B 223 25.20 -19.17 16.68
C ILE B 223 24.87 -17.68 16.67
N ILE B 224 23.59 -17.35 16.54
CA ILE B 224 23.18 -15.95 16.46
C ILE B 224 22.36 -15.46 17.66
N LYS B 225 22.28 -16.26 18.72
CA LYS B 225 21.44 -15.89 19.85
C LYS B 225 21.99 -14.66 20.61
N PHE B 226 23.31 -14.60 20.80
CA PHE B 226 23.89 -13.49 21.55
C PHE B 226 24.20 -12.33 20.62
N ASP B 227 24.04 -12.56 19.32
CA ASP B 227 24.28 -11.53 18.32
C ASP B 227 23.12 -10.55 18.27
N THR B 228 21.94 -11.02 18.64
CA THR B 228 20.72 -10.23 18.46
C THR B 228 19.66 -10.46 19.54
N VAL B 229 19.28 -11.71 19.75
CA VAL B 229 18.17 -12.04 20.65
C VAL B 229 18.46 -11.70 22.11
N VAL B 230 19.51 -12.32 22.65
CA VAL B 230 19.90 -12.14 24.05
C VAL B 230 20.20 -10.69 24.47
N PRO B 231 20.99 -9.94 23.67
CA PRO B 231 21.24 -8.56 24.07
C PRO B 231 19.97 -7.70 24.14
N LYS B 232 18.95 -8.10 23.38
CA LYS B 232 17.67 -7.41 23.40
C LYS B 232 16.92 -7.70 24.69
N ALA B 233 17.18 -8.87 25.27
CA ALA B 233 16.56 -9.27 26.53
C ALA B 233 17.06 -8.42 27.70
N PHE B 234 18.33 -8.05 27.65
CA PHE B 234 18.94 -7.20 28.68
C PHE B 234 18.34 -5.80 28.67
N GLU B 235 17.95 -5.32 27.49
CA GLU B 235 17.32 -4.00 27.38
C GLU B 235 16.04 -3.94 28.20
N ILE B 236 15.23 -5.00 28.10
CA ILE B 236 13.96 -5.08 28.80
C ILE B 236 14.15 -5.19 30.32
N ALA B 237 15.08 -6.04 30.73
CA ALA B 237 15.33 -6.26 32.15
C ALA B 237 15.88 -5.01 32.84
N ARG B 238 16.53 -4.15 32.08
CA ARG B 238 17.09 -2.91 32.63
C ARG B 238 15.98 -2.00 33.16
N ARG B 239 14.90 -1.89 32.40
CA ARG B 239 13.77 -1.05 32.80
C ARG B 239 12.91 -1.75 33.85
N ASN B 240 13.09 -3.06 34.00
CA ASN B 240 12.35 -3.85 34.97
C ASN B 240 10.83 -3.63 34.90
N PRO B 241 10.19 -4.18 33.86
CA PRO B 241 8.76 -3.92 33.64
C PRO B 241 7.85 -4.89 34.39
N GLY B 242 6.55 -4.60 34.39
CA GLY B 242 5.57 -5.48 35.03
C GLY B 242 5.36 -6.79 34.31
N GLU B 243 5.27 -6.73 33.00
CA GLU B 243 5.04 -7.91 32.17
C GLU B 243 6.24 -8.12 31.25
N PRO B 244 7.32 -8.68 31.80
CA PRO B 244 8.56 -8.86 31.04
C PRO B 244 8.38 -9.75 29.81
N ASP B 245 7.48 -10.73 29.90
CA ASP B 245 7.23 -11.62 28.78
C ASP B 245 6.82 -10.84 27.54
N ARG B 246 5.81 -9.98 27.67
CA ARG B 246 5.29 -9.23 26.52
C ARG B 246 6.33 -8.32 25.88
N GLU B 247 7.05 -7.57 26.70
CA GLU B 247 8.05 -6.64 26.18
C GLU B 247 9.16 -7.39 25.45
N VAL B 248 9.52 -8.56 25.96
CA VAL B 248 10.52 -9.41 25.32
C VAL B 248 9.99 -9.93 23.98
N ARG B 249 8.73 -10.35 23.96
CA ARG B 249 8.11 -10.84 22.73
C ARG B 249 8.17 -9.77 21.66
N LEU B 250 7.80 -8.56 22.07
CA LEU B 250 7.81 -7.40 21.18
C LEU B 250 9.23 -7.05 20.76
N ALA B 251 10.15 -7.12 21.72
CA ALA B 251 11.55 -6.80 21.47
C ALA B 251 12.25 -7.77 20.52
N CYS B 252 12.04 -9.06 20.72
CA CYS B 252 12.69 -10.07 19.88
C CYS B 252 12.26 -10.01 18.41
N ARG B 253 10.97 -9.84 18.18
CA ARG B 253 10.43 -9.72 16.82
C ARG B 253 10.97 -8.49 16.09
N ASP B 254 11.03 -7.35 16.77
CA ASP B 254 11.58 -6.13 16.18
C ASP B 254 13.00 -6.39 15.69
N ILE B 255 13.74 -7.17 16.46
CA ILE B 255 15.09 -7.56 16.11
C ILE B 255 15.05 -8.44 14.87
N PHE B 256 14.16 -9.43 14.88
CA PHE B 256 13.96 -10.34 13.75
C PHE B 256 13.64 -9.54 12.49
N ARG B 257 12.93 -8.43 12.66
CA ARG B 257 12.55 -7.57 11.55
C ARG B 257 13.77 -6.83 11.01
N SER B 258 14.45 -6.10 11.87
CA SER B 258 15.58 -5.26 11.46
C SER B 258 16.76 -6.08 10.91
N SER B 259 17.00 -7.23 11.51
CA SER B 259 18.13 -8.06 11.12
C SER B 259 17.75 -9.08 10.05
N LYS B 260 16.47 -9.10 9.69
CA LYS B 260 15.95 -10.06 8.71
C LYS B 260 16.31 -11.50 9.05
N THR B 261 16.00 -11.89 10.30
CA THR B 261 16.36 -13.20 10.81
C THR B 261 15.78 -14.35 9.96
N LEU B 262 14.50 -14.28 9.66
CA LEU B 262 13.83 -15.32 8.89
C LEU B 262 14.46 -15.53 7.51
N ALA B 263 14.85 -14.43 6.87
CA ALA B 263 15.45 -14.50 5.54
C ALA B 263 16.83 -15.15 5.57
N LYS B 264 17.59 -14.84 6.61
CA LYS B 264 18.97 -15.31 6.73
C LYS B 264 19.08 -16.66 7.44
N LEU B 265 17.97 -17.18 7.93
CA LEU B 265 18.00 -18.43 8.68
C LEU B 265 18.20 -19.64 7.78
N ILE B 266 17.41 -19.74 6.71
CA ILE B 266 17.52 -20.85 5.78
C ILE B 266 18.91 -20.99 5.14
N PRO B 267 19.50 -19.88 4.64
CA PRO B 267 20.85 -20.02 4.07
C PRO B 267 21.92 -20.39 5.09
N LEU B 268 21.70 -20.07 6.36
CA LEU B 268 22.68 -20.37 7.41
C LEU B 268 22.89 -21.87 7.60
N ILE B 269 21.81 -22.64 7.67
CA ILE B 269 21.90 -24.09 7.83
C ILE B 269 22.75 -24.71 6.72
N GLU B 270 22.39 -24.40 5.47
CA GLU B 270 23.11 -24.94 4.33
C GLU B 270 24.56 -24.47 4.32
N ASP B 271 24.80 -23.26 4.81
CA ASP B 271 26.15 -22.72 4.92
C ASP B 271 26.95 -23.53 5.95
N VAL B 272 26.28 -23.91 7.03
CA VAL B 272 26.90 -24.71 8.08
C VAL B 272 27.24 -26.12 7.59
N LEU B 273 26.27 -26.77 6.94
CA LEU B 273 26.42 -28.13 6.47
C LEU B 273 27.40 -28.24 5.30
N ALA B 274 27.65 -27.12 4.63
CA ALA B 274 28.56 -27.08 3.50
C ALA B 274 29.99 -27.42 3.90
N ALA B 275 30.35 -27.11 5.15
CA ALA B 275 31.69 -27.34 5.65
C ALA B 275 32.11 -28.81 5.63
N GLY B 276 31.14 -29.71 5.55
CA GLY B 276 31.41 -31.13 5.42
C GLY B 276 32.00 -31.46 4.07
N GLU B 277 31.91 -30.50 3.15
CA GLU B 277 32.39 -30.63 1.77
C GLU B 277 31.59 -31.64 0.93
N ILE B 278 30.69 -32.39 1.55
CA ILE B 278 29.81 -33.30 0.82
C ILE B 278 28.95 -32.45 -0.10
N GLN B 279 28.76 -32.93 -1.34
CA GLN B 279 28.02 -32.19 -2.35
C GLN B 279 26.61 -31.84 -1.90
N PRO B 280 26.32 -30.53 -1.78
CA PRO B 280 25.01 -30.03 -1.36
C PRO B 280 23.90 -30.43 -2.34
N PRO B 281 22.67 -30.60 -1.83
CA PRO B 281 21.54 -30.98 -2.66
C PRO B 281 20.81 -29.76 -3.24
N SER C 17 -16.39 48.32 -20.14
CA SER C 17 -17.50 47.45 -20.50
C SER C 17 -17.41 46.13 -19.74
N MET C 18 -18.46 45.83 -18.98
CA MET C 18 -18.47 44.64 -18.13
C MET C 18 -19.91 44.22 -17.85
N ILE C 19 -20.11 42.93 -17.58
CA ILE C 19 -21.44 42.41 -17.28
C ILE C 19 -21.43 41.38 -16.15
N PHE C 20 -22.47 41.42 -15.32
CA PHE C 20 -22.64 40.46 -14.24
C PHE C 20 -23.73 39.47 -14.58
N LEU C 21 -23.42 38.19 -14.47
CA LEU C 21 -24.38 37.14 -14.79
C LEU C 21 -24.57 36.22 -13.59
N GLN C 22 -25.83 35.88 -13.30
CA GLN C 22 -26.15 35.08 -12.14
C GLN C 22 -27.33 34.16 -12.41
N TYR C 23 -27.32 32.98 -11.78
CA TYR C 23 -28.42 32.03 -11.82
C TYR C 23 -28.78 31.66 -13.25
N GLY C 24 -27.90 30.92 -13.92
CA GLY C 24 -28.15 30.48 -15.27
C GLY C 24 -26.94 29.84 -15.95
N GLN C 25 -27.19 29.16 -17.05
CA GLN C 25 -26.11 28.54 -17.83
C GLN C 25 -25.69 29.44 -18.98
N ILE C 26 -24.39 29.46 -19.27
CA ILE C 26 -23.86 30.28 -20.36
C ILE C 26 -23.49 29.41 -21.55
N ASP C 27 -24.21 29.60 -22.66
CA ASP C 27 -23.96 28.85 -23.89
C ASP C 27 -23.75 29.79 -25.06
N VAL C 28 -23.60 29.24 -26.27
CA VAL C 28 -23.52 30.07 -27.46
C VAL C 28 -24.56 29.59 -28.47
N ILE C 29 -25.82 29.63 -28.06
CA ILE C 29 -26.92 29.30 -28.95
C ILE C 29 -27.05 30.35 -30.04
N ASP C 30 -26.66 29.98 -31.26
CA ASP C 30 -26.77 30.78 -32.49
C ASP C 30 -25.74 31.90 -32.60
N GLY C 31 -24.47 31.58 -32.34
CA GLY C 31 -23.38 32.48 -32.65
C GLY C 31 -22.96 33.46 -31.56
N ALA C 32 -23.77 33.58 -30.52
CA ALA C 32 -23.56 34.61 -29.50
C ALA C 32 -23.79 34.12 -28.06
N PHE C 33 -23.25 34.87 -27.11
CA PHE C 33 -23.41 34.58 -25.69
C PHE C 33 -24.88 34.61 -25.28
N VAL C 34 -25.35 33.50 -24.71
CA VAL C 34 -26.72 33.42 -24.23
C VAL C 34 -26.74 32.93 -22.79
N LEU C 35 -27.69 33.46 -22.02
CA LEU C 35 -27.87 33.05 -20.64
C LEU C 35 -29.24 32.40 -20.48
N ILE C 36 -29.24 31.09 -20.23
CA ILE C 36 -30.49 30.36 -20.09
C ILE C 36 -30.96 30.36 -18.64
N ASP C 37 -32.12 30.96 -18.41
CA ASP C 37 -32.65 31.13 -17.06
C ASP C 37 -33.35 29.87 -16.55
N LYS C 38 -33.72 29.88 -15.27
CA LYS C 38 -34.44 28.80 -14.63
C LYS C 38 -35.86 28.67 -15.20
N THR C 39 -36.36 29.76 -15.77
CA THR C 39 -37.66 29.75 -16.40
C THR C 39 -37.51 29.37 -17.87
N GLY C 40 -36.27 29.18 -18.29
CA GLY C 40 -35.96 28.74 -19.63
C GLY C 40 -35.93 29.90 -20.63
N ILE C 41 -35.93 31.11 -20.10
CA ILE C 41 -35.86 32.32 -20.90
C ILE C 41 -34.40 32.62 -21.25
N ARG C 42 -34.17 32.96 -22.52
CA ARG C 42 -32.82 33.25 -23.01
C ARG C 42 -32.51 34.73 -22.92
N THR C 43 -31.29 35.07 -22.53
CA THR C 43 -30.89 36.46 -22.47
C THR C 43 -29.65 36.59 -23.35
N HIS C 44 -29.87 37.10 -24.56
CA HIS C 44 -28.84 37.29 -25.57
C HIS C 44 -27.82 38.35 -25.15
N ILE C 45 -26.53 38.02 -25.26
CA ILE C 45 -25.47 38.98 -24.95
C ILE C 45 -24.53 39.20 -26.13
N PRO C 46 -24.36 40.47 -26.53
CA PRO C 46 -23.46 40.84 -27.63
C PRO C 46 -21.98 40.73 -27.23
N VAL C 47 -21.14 40.37 -28.19
CA VAL C 47 -19.71 40.17 -27.95
C VAL C 47 -18.90 41.45 -27.79
N GLY C 48 -19.46 42.58 -28.20
CA GLY C 48 -18.79 43.86 -28.04
C GLY C 48 -18.74 44.45 -26.64
N SER C 49 -19.91 44.71 -26.06
CA SER C 49 -19.99 45.33 -24.74
C SER C 49 -19.63 44.39 -23.59
N VAL C 50 -18.73 43.44 -23.85
CA VAL C 50 -18.31 42.50 -22.81
C VAL C 50 -16.80 42.23 -22.80
N ALA C 51 -16.04 43.24 -22.40
CA ALA C 51 -14.60 43.11 -22.23
C ALA C 51 -14.31 42.07 -21.15
N CYS C 52 -15.17 42.06 -20.12
CA CYS C 52 -15.02 41.16 -19.00
C CYS C 52 -16.38 40.72 -18.48
N ILE C 53 -16.49 39.42 -18.14
CA ILE C 53 -17.72 38.86 -17.61
C ILE C 53 -17.54 38.35 -16.18
N MET C 54 -18.36 38.86 -15.27
CA MET C 54 -18.28 38.45 -13.88
C MET C 54 -19.30 37.36 -13.60
N LEU C 55 -18.82 36.21 -13.15
CA LEU C 55 -19.67 35.05 -12.92
C LEU C 55 -20.00 34.86 -11.44
N GLU C 56 -21.22 35.25 -11.08
CA GLU C 56 -21.70 35.13 -9.69
C GLU C 56 -22.07 33.67 -9.40
N PRO C 57 -22.15 33.30 -8.11
CA PRO C 57 -22.50 31.91 -7.74
C PRO C 57 -23.82 31.44 -8.34
N GLY C 58 -23.85 30.19 -8.78
CA GLY C 58 -25.04 29.61 -9.38
C GLY C 58 -24.96 29.54 -10.90
N THR C 59 -23.79 29.88 -11.44
CA THR C 59 -23.61 29.90 -12.89
C THR C 59 -22.85 28.68 -13.43
N ARG C 60 -23.26 28.23 -14.61
CA ARG C 60 -22.61 27.11 -15.29
C ARG C 60 -22.17 27.50 -16.70
N VAL C 61 -20.87 27.45 -16.95
CA VAL C 61 -20.34 27.86 -18.24
C VAL C 61 -20.07 26.66 -19.16
N SER C 62 -20.56 26.75 -20.39
CA SER C 62 -20.35 25.71 -21.39
C SER C 62 -18.99 25.87 -22.06
N HIS C 63 -18.48 24.77 -22.61
CA HIS C 63 -17.21 24.79 -23.32
C HIS C 63 -17.24 25.76 -24.49
N ALA C 64 -18.35 25.75 -25.22
CA ALA C 64 -18.51 26.60 -26.39
C ALA C 64 -18.52 28.07 -25.98
N ALA C 65 -19.04 28.35 -24.79
CA ALA C 65 -19.08 29.72 -24.28
C ALA C 65 -17.67 30.21 -24.02
N VAL C 66 -16.86 29.33 -23.44
CA VAL C 66 -15.46 29.61 -23.16
C VAL C 66 -14.66 29.80 -24.44
N ARG C 67 -14.97 29.00 -25.47
CA ARG C 67 -14.27 29.07 -26.74
C ARG C 67 -14.50 30.40 -27.43
N LEU C 68 -15.76 30.86 -27.41
CA LEU C 68 -16.11 32.15 -28.01
C LEU C 68 -15.44 33.29 -27.25
N ALA C 69 -15.40 33.18 -25.93
CA ALA C 69 -14.80 34.20 -25.08
C ALA C 69 -13.32 34.37 -25.38
N ALA C 70 -12.67 33.27 -25.77
CA ALA C 70 -11.25 33.30 -26.07
C ALA C 70 -10.98 33.96 -27.43
N GLN C 71 -11.89 33.75 -28.38
CA GLN C 71 -11.73 34.31 -29.71
C GLN C 71 -11.82 35.84 -29.69
N VAL C 72 -12.81 36.36 -28.97
CA VAL C 72 -13.03 37.79 -28.87
C VAL C 72 -12.22 38.44 -27.75
N GLY C 73 -11.43 37.64 -27.04
CA GLY C 73 -10.56 38.18 -26.02
C GLY C 73 -11.28 38.64 -24.76
N THR C 74 -12.31 37.89 -24.35
CA THR C 74 -13.10 38.26 -23.18
C THR C 74 -12.62 37.56 -21.92
N LEU C 75 -12.31 38.35 -20.89
CA LEU C 75 -11.88 37.82 -19.61
C LEU C 75 -13.04 37.21 -18.83
N LEU C 76 -12.83 36.00 -18.31
CA LEU C 76 -13.83 35.33 -17.49
C LEU C 76 -13.37 35.28 -16.04
N VAL C 77 -14.18 35.84 -15.14
CA VAL C 77 -13.83 35.87 -13.72
C VAL C 77 -14.94 35.27 -12.86
N TRP C 78 -14.60 34.24 -12.08
CA TRP C 78 -15.56 33.65 -11.17
C TRP C 78 -15.57 34.39 -9.83
N VAL C 79 -16.66 35.12 -9.60
CA VAL C 79 -16.82 35.98 -8.43
C VAL C 79 -17.98 35.54 -7.53
N GLY C 80 -18.06 36.13 -6.34
CA GLY C 80 -19.19 35.89 -5.49
C GLY C 80 -20.24 36.91 -5.89
N GLU C 81 -21.15 37.27 -4.98
CA GLU C 81 -22.18 38.23 -5.35
C GLU C 81 -21.64 39.65 -5.42
N ALA C 82 -21.89 40.32 -6.55
CA ALA C 82 -21.42 41.69 -6.78
C ALA C 82 -19.91 41.82 -6.63
N GLY C 83 -19.18 40.75 -6.91
CA GLY C 83 -17.72 40.81 -6.84
C GLY C 83 -17.21 40.86 -5.42
N VAL C 84 -18.02 40.40 -4.48
CA VAL C 84 -17.67 40.44 -3.06
C VAL C 84 -16.41 39.61 -2.76
N ARG C 85 -16.21 38.56 -3.53
CA ARG C 85 -15.07 37.67 -3.37
C ARG C 85 -14.69 37.03 -4.71
N VAL C 86 -13.41 37.03 -5.01
CA VAL C 86 -12.92 36.39 -6.22
C VAL C 86 -12.43 34.98 -5.89
N TYR C 87 -12.70 34.04 -6.79
CA TYR C 87 -12.35 32.64 -6.55
C TYR C 87 -11.40 32.14 -7.62
N ALA C 88 -11.74 32.43 -8.87
CA ALA C 88 -10.88 32.11 -10.00
C ALA C 88 -11.18 33.03 -11.16
N SER C 89 -10.17 33.32 -11.97
CA SER C 89 -10.34 34.14 -13.16
C SER C 89 -9.66 33.49 -14.35
N GLY C 90 -10.13 33.80 -15.54
CA GLY C 90 -9.47 33.29 -16.72
C GLY C 90 -8.17 34.05 -16.83
N GLN C 91 -7.29 33.61 -17.73
CA GLN C 91 -5.95 34.19 -17.87
C GLN C 91 -5.34 34.41 -16.49
N PRO C 92 -4.76 33.35 -15.90
CA PRO C 92 -4.20 33.34 -14.54
C PRO C 92 -3.06 34.33 -14.31
N GLY C 93 -1.85 33.78 -14.13
CA GLY C 93 -0.63 34.55 -13.92
C GLY C 93 -0.59 35.97 -14.47
N GLY C 94 -1.13 36.11 -15.68
CA GLY C 94 -1.21 37.40 -16.35
C GLY C 94 -1.99 37.23 -17.63
N ALA C 95 -2.27 38.33 -18.31
CA ALA C 95 -3.01 38.29 -19.56
C ALA C 95 -2.32 39.21 -20.55
N ARG C 96 -2.13 40.45 -20.12
CA ARG C 96 -1.45 41.44 -20.93
C ARG C 96 0.01 41.47 -20.49
N SER C 97 0.92 41.19 -21.40
CA SER C 97 2.33 41.15 -21.09
C SER C 97 2.86 42.54 -20.73
N ASP C 98 2.47 43.54 -21.52
CA ASP C 98 2.94 44.91 -21.35
C ASP C 98 2.51 45.56 -20.03
N LYS C 99 1.32 45.24 -19.56
CA LYS C 99 0.80 45.86 -18.33
C LYS C 99 1.48 45.31 -17.07
N LEU C 100 1.89 44.05 -17.12
CA LEU C 100 2.58 43.44 -15.99
C LEU C 100 3.93 44.13 -15.75
N LEU C 101 4.68 44.34 -16.82
CA LEU C 101 5.98 45.00 -16.73
C LEU C 101 5.85 46.50 -16.46
N TYR C 102 4.75 47.09 -16.91
CA TYR C 102 4.47 48.49 -16.64
C TYR C 102 4.33 48.73 -15.14
N GLN C 103 3.48 47.93 -14.50
CA GLN C 103 3.29 48.01 -13.06
C GLN C 103 4.59 47.69 -12.33
N ALA C 104 5.33 46.72 -12.85
CA ALA C 104 6.58 46.29 -12.24
C ALA C 104 7.63 47.41 -12.27
N LYS C 105 7.75 48.10 -13.40
CA LYS C 105 8.70 49.20 -13.54
C LYS C 105 8.41 50.30 -12.52
N LEU C 106 7.13 50.55 -12.30
CA LEU C 106 6.69 51.59 -11.37
C LEU C 106 7.00 51.21 -9.93
N ALA C 107 7.04 49.92 -9.64
CA ALA C 107 7.23 49.45 -8.28
C ALA C 107 8.70 49.22 -7.94
N LEU C 108 9.48 48.81 -8.94
CA LEU C 108 10.89 48.50 -8.72
C LEU C 108 11.71 49.77 -8.50
N ASP C 109 11.47 50.79 -9.32
CA ASP C 109 12.19 52.05 -9.20
C ASP C 109 11.64 52.89 -8.05
N GLU C 110 12.51 53.30 -7.15
CA GLU C 110 12.11 54.02 -5.94
C GLU C 110 11.49 55.39 -6.25
N ASP C 111 12.03 56.07 -7.25
CA ASP C 111 11.51 57.38 -7.63
C ASP C 111 10.09 57.28 -8.18
N LEU C 112 9.87 56.32 -9.07
CA LEU C 112 8.55 56.12 -9.67
C LEU C 112 7.53 55.61 -8.65
N ARG C 113 7.97 54.72 -7.77
CA ARG C 113 7.11 54.17 -6.72
C ARG C 113 6.60 55.27 -5.79
N LEU C 114 7.49 56.20 -5.44
CA LEU C 114 7.14 57.29 -4.54
C LEU C 114 6.06 58.16 -5.16
N LYS C 115 6.14 58.39 -6.47
CA LYS C 115 5.14 59.17 -7.18
C LYS C 115 3.77 58.51 -7.15
N VAL C 116 3.76 57.18 -7.28
CA VAL C 116 2.52 56.42 -7.25
C VAL C 116 1.85 56.48 -5.88
N VAL C 117 2.66 56.35 -4.83
CA VAL C 117 2.16 56.38 -3.46
C VAL C 117 1.52 57.73 -3.13
N ARG C 118 2.17 58.81 -3.58
CA ARG C 118 1.65 60.15 -3.35
C ARG C 118 0.28 60.33 -3.99
N LYS C 119 0.09 59.70 -5.15
CA LYS C 119 -1.19 59.73 -5.83
C LYS C 119 -2.25 58.98 -5.03
N MET C 120 -1.86 57.84 -4.47
CA MET C 120 -2.76 57.06 -3.63
C MET C 120 -3.19 57.83 -2.40
N PHE C 121 -2.22 58.50 -1.77
CA PHE C 121 -2.46 59.30 -0.58
C PHE C 121 -3.43 60.45 -0.88
N GLU C 122 -3.18 61.15 -1.98
CA GLU C 122 -3.97 62.31 -2.36
C GLU C 122 -5.42 61.95 -2.69
N LEU C 123 -5.60 60.85 -3.41
CA LEU C 123 -6.93 60.40 -3.81
C LEU C 123 -7.73 59.87 -2.62
N ARG C 124 -7.02 59.43 -1.59
CA ARG C 124 -7.67 58.80 -0.44
C ARG C 124 -8.23 59.80 0.56
N PHE C 125 -7.41 60.77 0.96
CA PHE C 125 -7.80 61.70 2.00
C PHE C 125 -8.31 63.03 1.46
N GLY C 126 -8.11 63.28 0.16
CA GLY C 126 -8.61 64.49 -0.45
C GLY C 126 -7.65 65.66 -0.38
N GLU C 127 -6.42 65.42 0.07
CA GLU C 127 -5.41 66.46 0.19
C GLU C 127 -4.03 65.93 -0.17
N PRO C 128 -3.19 66.78 -0.77
CA PRO C 128 -1.83 66.42 -1.18
C PRO C 128 -0.99 65.90 -0.03
N ALA C 129 -0.07 64.98 -0.32
CA ALA C 129 0.81 64.44 0.70
C ALA C 129 1.87 65.47 1.10
N PRO C 130 2.32 65.41 2.36
CA PRO C 130 3.38 66.31 2.86
C PRO C 130 4.66 66.23 2.05
N ALA C 131 5.36 67.36 1.94
CA ALA C 131 6.56 67.44 1.13
C ALA C 131 7.73 66.71 1.78
N ARG C 132 8.67 66.26 0.95
CA ARG C 132 9.88 65.58 1.40
C ARG C 132 9.59 64.38 2.32
N ARG C 133 8.56 63.63 2.01
CA ARG C 133 8.29 62.41 2.77
C ARG C 133 8.51 61.17 1.90
N SER C 134 9.11 60.14 2.49
CA SER C 134 9.36 58.90 1.79
C SER C 134 8.18 57.94 1.95
N VAL C 135 8.20 56.84 1.23
CA VAL C 135 7.13 55.83 1.31
C VAL C 135 6.98 55.31 2.74
N GLU C 136 8.10 55.03 3.38
CA GLU C 136 8.12 54.58 4.78
C GLU C 136 7.55 55.64 5.71
N GLN C 137 7.86 56.91 5.43
CA GLN C 137 7.38 58.02 6.23
C GLN C 137 5.89 58.27 6.00
N LEU C 138 5.46 58.10 4.75
CA LEU C 138 4.07 58.27 4.38
C LEU C 138 3.18 57.20 5.03
N ARG C 139 3.74 56.01 5.26
CA ARG C 139 3.01 54.94 5.92
C ARG C 139 2.71 55.28 7.38
N GLY C 140 3.61 56.04 8.00
CA GLY C 140 3.44 56.45 9.38
C GLY C 140 2.32 57.46 9.54
N ILE C 141 2.22 58.40 8.61
CA ILE C 141 1.13 59.36 8.61
C ILE C 141 -0.21 58.65 8.41
N GLU C 142 -0.24 57.73 7.46
CA GLU C 142 -1.42 56.95 7.15
C GLU C 142 -1.97 56.22 8.38
N GLY C 143 -1.10 55.48 9.06
CA GLY C 143 -1.50 54.71 10.23
C GLY C 143 -2.11 55.54 11.33
N SER C 144 -1.53 56.72 11.57
CA SER C 144 -2.05 57.63 12.59
C SER C 144 -3.44 58.14 12.24
N ARG C 145 -3.63 58.48 10.97
CA ARG C 145 -4.93 58.99 10.50
C ARG C 145 -6.00 57.91 10.52
N VAL C 146 -5.63 56.69 10.15
CA VAL C 146 -6.56 55.56 10.14
C VAL C 146 -7.09 55.26 11.54
N ARG C 147 -6.17 55.16 12.49
CA ARG C 147 -6.52 54.91 13.89
C ARG C 147 -7.41 56.02 14.43
N ALA C 148 -7.12 57.25 14.03
CA ALA C 148 -7.94 58.40 14.41
C ALA C 148 -9.32 58.32 13.77
N THR C 149 -9.35 57.87 12.51
CA THR C 149 -10.60 57.75 11.77
C THR C 149 -11.53 56.72 12.41
N TYR C 150 -10.98 55.57 12.78
CA TYR C 150 -11.74 54.53 13.47
C TYR C 150 -12.39 55.09 14.74
N ALA C 151 -11.62 55.84 15.51
CA ALA C 151 -12.10 56.43 16.75
C ALA C 151 -13.23 57.44 16.52
N LEU C 152 -13.07 58.27 15.49
CA LEU C 152 -14.07 59.29 15.19
C LEU C 152 -15.40 58.67 14.78
N LEU C 153 -15.36 57.69 13.90
CA LEU C 153 -16.56 56.97 13.48
C LEU C 153 -17.22 56.26 14.65
N ALA C 154 -16.40 55.78 15.59
CA ALA C 154 -16.91 55.09 16.76
C ALA C 154 -17.80 56.00 17.61
N LYS C 155 -17.37 57.24 17.79
CA LYS C 155 -18.15 58.19 18.57
C LYS C 155 -19.39 58.64 17.79
N GLN C 156 -19.28 58.66 16.48
CA GLN C 156 -20.39 59.09 15.62
C GLN C 156 -21.54 58.09 15.71
N TYR C 157 -21.18 56.82 15.86
CA TYR C 157 -22.16 55.77 16.02
C TYR C 157 -22.18 55.43 17.52
N GLY C 158 -22.91 54.41 17.91
CA GLY C 158 -22.97 54.05 19.33
C GLY C 158 -22.16 52.81 19.65
N VAL C 159 -20.93 52.77 19.17
CA VAL C 159 -20.06 51.62 19.39
C VAL C 159 -18.84 51.91 20.27
N THR C 160 -18.62 51.03 21.25
CA THR C 160 -17.45 51.09 22.11
C THR C 160 -16.18 50.65 21.38
N TRP C 161 -15.22 51.57 21.21
CA TRP C 161 -14.00 51.26 20.46
C TRP C 161 -12.76 51.25 21.35
N ASN C 162 -11.97 50.19 21.25
CA ASN C 162 -10.72 50.06 22.00
C ASN C 162 -9.51 49.85 21.10
N GLY C 163 -9.75 49.48 19.85
CA GLY C 163 -8.66 49.27 18.91
C GLY C 163 -8.89 48.11 17.95
N ARG C 164 -8.02 48.01 16.95
CA ARG C 164 -8.09 46.91 15.98
C ARG C 164 -7.47 45.65 16.54
N ASP C 175 -14.32 42.74 19.84
CA ASP C 175 -15.50 41.91 20.07
C ASP C 175 -16.36 41.89 18.82
N THR C 176 -17.61 42.36 18.94
CA THR C 176 -18.55 42.32 17.82
C THR C 176 -18.30 43.47 16.85
N ILE C 177 -17.46 44.41 17.25
CA ILE C 177 -17.18 45.59 16.45
C ILE C 177 -16.15 45.27 15.37
N ASN C 178 -15.07 44.59 15.77
CA ASN C 178 -14.03 44.19 14.85
C ASN C 178 -14.50 43.11 13.89
N GLN C 179 -15.36 42.24 14.41
CA GLN C 179 -15.93 41.16 13.62
C GLN C 179 -16.70 41.69 12.41
N CYS C 180 -17.29 42.87 12.57
CA CYS C 180 -18.03 43.51 11.48
C CYS C 180 -17.10 44.18 10.47
N ILE C 181 -16.08 44.86 10.97
CA ILE C 181 -15.13 45.58 10.12
C ILE C 181 -14.28 44.64 9.28
N SER C 182 -13.76 43.58 9.91
CA SER C 182 -12.94 42.60 9.22
C SER C 182 -13.73 41.88 8.13
N ALA C 183 -15.03 41.72 8.37
CA ALA C 183 -15.90 41.10 7.38
C ALA C 183 -16.17 42.05 6.23
N ALA C 184 -16.15 43.35 6.54
CA ALA C 184 -16.39 44.39 5.56
C ALA C 184 -15.23 44.53 4.57
N THR C 185 -14.02 44.62 5.10
CA THR C 185 -12.83 44.81 4.27
C THR C 185 -12.57 43.62 3.34
N SER C 186 -13.00 42.43 3.77
CA SER C 186 -12.88 41.23 2.92
C SER C 186 -13.75 41.38 1.68
N CYS C 187 -14.94 41.94 1.88
CA CYS C 187 -15.87 42.21 0.80
C CYS C 187 -15.27 43.24 -0.15
N LEU C 188 -14.61 44.24 0.44
CA LEU C 188 -13.98 45.31 -0.32
C LEU C 188 -12.79 44.81 -1.13
N TYR C 189 -12.01 43.91 -0.54
CA TYR C 189 -10.85 43.33 -1.22
C TYR C 189 -11.28 42.51 -2.42
N GLY C 190 -12.51 42.01 -2.39
CA GLY C 190 -13.07 41.24 -3.48
C GLY C 190 -13.21 42.05 -4.76
N VAL C 191 -13.97 43.14 -4.70
CA VAL C 191 -14.18 43.98 -5.88
C VAL C 191 -12.91 44.69 -6.31
N THR C 192 -12.01 44.93 -5.36
CA THR C 192 -10.76 45.61 -5.66
C THR C 192 -9.86 44.72 -6.52
N GLU C 193 -9.74 43.46 -6.13
CA GLU C 193 -8.96 42.49 -6.88
C GLU C 193 -9.58 42.28 -8.26
N ALA C 194 -10.91 42.24 -8.30
CA ALA C 194 -11.65 42.06 -9.55
C ALA C 194 -11.40 43.22 -10.51
N ALA C 195 -11.24 44.41 -9.95
CA ALA C 195 -10.95 45.60 -10.75
C ALA C 195 -9.54 45.51 -11.31
N ILE C 196 -8.61 45.11 -10.46
CA ILE C 196 -7.21 44.96 -10.83
C ILE C 196 -7.05 43.95 -11.96
N LEU C 197 -7.75 42.82 -11.84
CA LEU C 197 -7.70 41.78 -12.87
C LEU C 197 -8.31 42.27 -14.18
N ALA C 198 -9.45 42.94 -14.08
CA ALA C 198 -10.13 43.47 -15.26
C ALA C 198 -9.29 44.54 -15.94
N ALA C 199 -8.55 45.30 -15.15
CA ALA C 199 -7.68 46.32 -15.69
C ALA C 199 -6.45 45.69 -16.34
N GLY C 200 -6.13 44.47 -15.91
CA GLY C 200 -5.02 43.74 -16.49
C GLY C 200 -3.73 43.84 -15.71
N TYR C 201 -3.83 44.18 -14.43
CA TYR C 201 -2.64 44.30 -13.59
C TYR C 201 -2.53 43.16 -12.57
N ALA C 202 -1.39 43.11 -11.89
CA ALA C 202 -1.12 42.05 -10.92
C ALA C 202 -1.45 42.47 -9.50
N PRO C 203 -2.21 41.62 -8.79
CA PRO C 203 -2.58 41.88 -7.39
C PRO C 203 -1.38 41.76 -6.45
N ALA C 204 -0.31 41.11 -6.91
CA ALA C 204 0.83 40.83 -6.05
C ALA C 204 1.85 41.96 -5.98
N ILE C 205 1.89 42.79 -7.01
CA ILE C 205 2.85 43.88 -7.08
C ILE C 205 2.30 45.15 -6.44
N GLY C 206 2.74 45.44 -5.23
CA GLY C 206 2.23 46.57 -4.46
C GLY C 206 3.24 47.66 -4.20
N PHE C 207 2.75 48.85 -3.87
CA PHE C 207 3.61 50.01 -3.63
C PHE C 207 3.70 50.34 -2.14
N VAL C 208 2.56 50.41 -1.47
CA VAL C 208 2.53 50.62 -0.03
C VAL C 208 2.69 49.28 0.69
N HIS C 209 1.83 48.33 0.34
CA HIS C 209 1.97 46.97 0.81
C HIS C 209 2.91 46.21 -0.12
N THR C 210 3.80 45.41 0.45
CA THR C 210 4.74 44.63 -0.35
C THR C 210 4.95 43.24 0.24
N GLY C 211 5.31 42.29 -0.62
CA GLY C 211 5.62 40.95 -0.17
C GLY C 211 4.41 40.03 -0.14
N LYS C 212 3.23 40.61 0.07
CA LYS C 212 1.99 39.85 0.08
C LYS C 212 1.48 39.60 -1.34
N PRO C 213 0.85 38.43 -1.56
CA PRO C 213 0.30 38.07 -2.88
C PRO C 213 -0.88 38.94 -3.31
N LEU C 214 -1.40 39.76 -2.38
CA LEU C 214 -2.48 40.68 -2.70
C LEU C 214 -2.13 42.10 -2.26
N SER C 215 -0.84 42.43 -2.33
CA SER C 215 -0.33 43.73 -1.88
C SER C 215 -0.97 44.90 -2.61
N PHE C 216 -1.17 44.75 -3.93
CA PHE C 216 -1.74 45.82 -4.74
C PHE C 216 -3.22 46.02 -4.43
N VAL C 217 -3.88 44.95 -4.03
CA VAL C 217 -5.29 45.03 -3.66
C VAL C 217 -5.49 45.92 -2.43
N TYR C 218 -4.63 45.75 -1.44
CA TYR C 218 -4.68 46.52 -0.21
C TYR C 218 -4.43 48.01 -0.46
N ASP C 219 -3.51 48.30 -1.37
CA ASP C 219 -3.16 49.68 -1.73
C ASP C 219 -4.37 50.46 -2.24
N ILE C 220 -5.07 49.87 -3.21
CA ILE C 220 -6.21 50.52 -3.83
C ILE C 220 -7.42 50.56 -2.89
N ALA C 221 -7.63 49.46 -2.16
CA ALA C 221 -8.80 49.34 -1.28
C ALA C 221 -8.81 50.40 -0.19
N ASP C 222 -7.63 50.71 0.34
CA ASP C 222 -7.52 51.70 1.43
C ASP C 222 -7.99 53.08 0.98
N ILE C 223 -7.92 53.34 -0.32
CA ILE C 223 -8.31 54.64 -0.87
C ILE C 223 -9.80 54.91 -0.69
N ILE C 224 -10.62 53.90 -0.92
CA ILE C 224 -12.07 54.05 -0.86
C ILE C 224 -12.70 53.29 0.29
N LYS C 225 -11.86 52.80 1.21
CA LYS C 225 -12.33 51.96 2.31
C LYS C 225 -13.23 52.71 3.29
N PHE C 226 -12.83 53.93 3.64
CA PHE C 226 -13.56 54.73 4.61
C PHE C 226 -14.64 55.60 3.97
N ASP C 227 -14.72 55.54 2.64
CA ASP C 227 -15.70 56.34 1.91
C ASP C 227 -17.11 55.79 2.04
N THR C 228 -17.24 54.48 2.22
CA THR C 228 -18.55 53.85 2.23
C THR C 228 -18.60 52.59 3.09
N VAL C 229 -17.63 51.70 2.87
CA VAL C 229 -17.65 50.36 3.45
C VAL C 229 -17.56 50.36 4.98
N VAL C 230 -16.49 50.93 5.52
CA VAL C 230 -16.27 50.95 6.97
C VAL C 230 -17.42 51.61 7.75
N PRO C 231 -17.90 52.80 7.31
CA PRO C 231 -19.03 53.37 8.05
C PRO C 231 -20.28 52.49 8.05
N LYS C 232 -20.42 51.65 7.04
CA LYS C 232 -21.54 50.72 6.97
C LYS C 232 -21.37 49.58 7.96
N ALA C 233 -20.12 49.24 8.25
CA ALA C 233 -19.82 48.18 9.21
C ALA C 233 -20.17 48.62 10.62
N PHE C 234 -19.93 49.89 10.92
CA PHE C 234 -20.27 50.46 12.21
C PHE C 234 -21.79 50.52 12.39
N GLU C 235 -22.48 50.76 11.29
CA GLU C 235 -23.94 50.79 11.29
C GLU C 235 -24.52 49.44 11.71
N ILE C 236 -23.96 48.37 11.15
CA ILE C 236 -24.40 47.02 11.46
C ILE C 236 -24.08 46.67 12.91
N ALA C 237 -22.86 47.02 13.34
CA ALA C 237 -22.41 46.74 14.69
C ALA C 237 -23.23 47.51 15.72
N ARG C 238 -23.79 48.64 15.30
CA ARG C 238 -24.62 49.46 16.18
C ARG C 238 -25.89 48.74 16.63
N ARG C 239 -26.56 48.09 15.68
CA ARG C 239 -27.80 47.37 15.99
C ARG C 239 -27.51 46.03 16.65
N ASN C 240 -26.27 45.56 16.47
CA ASN C 240 -25.82 44.28 17.01
C ASN C 240 -26.79 43.15 16.71
N PRO C 241 -26.89 42.76 15.43
CA PRO C 241 -27.87 41.76 14.98
C PRO C 241 -27.30 40.35 15.03
N GLY C 242 -28.15 39.35 14.77
CA GLY C 242 -27.68 37.98 14.69
C GLY C 242 -26.81 37.84 13.46
N GLU C 243 -25.91 36.86 13.50
CA GLU C 243 -24.91 36.60 12.44
C GLU C 243 -24.40 37.88 11.77
N PRO C 244 -23.52 38.61 12.49
CA PRO C 244 -22.98 39.89 12.02
C PRO C 244 -22.15 39.77 10.75
N ASP C 245 -21.43 38.67 10.59
CA ASP C 245 -20.62 38.42 9.41
C ASP C 245 -21.48 38.48 8.14
N ARG C 246 -22.57 37.71 8.15
CA ARG C 246 -23.47 37.61 7.01
C ARG C 246 -24.14 38.95 6.70
N GLU C 247 -24.58 39.66 7.75
CA GLU C 247 -25.28 40.92 7.58
C GLU C 247 -24.42 41.97 6.88
N VAL C 248 -23.12 41.97 7.20
CA VAL C 248 -22.18 42.90 6.58
C VAL C 248 -21.93 42.59 5.10
N ARG C 249 -21.75 41.31 4.79
CA ARG C 249 -21.50 40.88 3.41
C ARG C 249 -22.60 41.28 2.44
N LEU C 250 -23.85 41.05 2.84
CA LEU C 250 -25.00 41.40 2.01
C LEU C 250 -25.11 42.90 1.80
N ALA C 251 -24.80 43.67 2.84
CA ALA C 251 -24.85 45.13 2.77
C ALA C 251 -23.82 45.62 1.76
N CYS C 252 -22.62 45.04 1.81
CA CYS C 252 -21.56 45.39 0.87
C CYS C 252 -21.96 45.07 -0.56
N ARG C 253 -22.66 43.94 -0.74
CA ARG C 253 -23.15 43.55 -2.05
C ARG C 253 -24.07 44.61 -2.63
N ASP C 254 -25.03 45.04 -1.82
CA ASP C 254 -25.99 46.07 -2.21
C ASP C 254 -25.29 47.37 -2.57
N ILE C 255 -24.24 47.70 -1.81
CA ILE C 255 -23.47 48.91 -2.05
C ILE C 255 -22.68 48.85 -3.37
N PHE C 256 -21.96 47.75 -3.58
CA PHE C 256 -21.17 47.57 -4.80
C PHE C 256 -22.01 47.68 -6.07
N ARG C 257 -23.25 47.18 -6.00
CA ARG C 257 -24.17 47.23 -7.13
C ARG C 257 -24.73 48.62 -7.39
N SER C 258 -25.36 49.20 -6.37
CA SER C 258 -26.03 50.50 -6.53
C SER C 258 -25.05 51.63 -6.84
N SER C 259 -23.87 51.59 -6.23
CA SER C 259 -22.88 52.64 -6.41
C SER C 259 -21.91 52.32 -7.53
N LYS C 260 -22.01 51.12 -8.10
CA LYS C 260 -21.11 50.66 -9.16
C LYS C 260 -19.64 50.81 -8.77
N THR C 261 -19.29 50.29 -7.60
CA THR C 261 -17.95 50.42 -7.04
C THR C 261 -16.88 49.85 -7.98
N LEU C 262 -17.12 48.64 -8.45
CA LEU C 262 -16.19 47.95 -9.34
C LEU C 262 -15.94 48.76 -10.62
N ALA C 263 -17.00 49.39 -11.12
CA ALA C 263 -16.92 50.17 -12.35
C ALA C 263 -16.05 51.41 -12.20
N LYS C 264 -16.11 52.07 -11.05
CA LYS C 264 -15.38 53.32 -10.87
C LYS C 264 -13.97 53.08 -10.35
N LEU C 265 -13.67 51.83 -10.01
CA LEU C 265 -12.37 51.45 -9.49
C LEU C 265 -11.32 51.34 -10.59
N ILE C 266 -11.68 50.68 -11.69
CA ILE C 266 -10.75 50.47 -12.80
C ILE C 266 -10.16 51.77 -13.39
N PRO C 267 -10.99 52.79 -13.67
CA PRO C 267 -10.34 54.01 -14.18
C PRO C 267 -9.49 54.68 -13.11
N LEU C 268 -9.87 54.47 -11.85
CA LEU C 268 -9.13 55.01 -10.72
C LEU C 268 -7.74 54.39 -10.64
N ILE C 269 -7.69 53.07 -10.81
CA ILE C 269 -6.44 52.32 -10.77
C ILE C 269 -5.41 52.83 -11.77
N GLU C 270 -5.81 52.94 -13.04
CA GLU C 270 -4.90 53.40 -14.09
C GLU C 270 -4.45 54.84 -13.86
N ASP C 271 -5.32 55.66 -13.27
CA ASP C 271 -4.97 57.02 -12.92
C ASP C 271 -3.89 57.06 -11.85
N VAL C 272 -3.96 56.10 -10.93
CA VAL C 272 -2.98 56.00 -9.85
C VAL C 272 -1.60 55.68 -10.40
N LEU C 273 -1.52 54.69 -11.27
CA LEU C 273 -0.25 54.28 -11.84
C LEU C 273 0.28 55.32 -12.83
N ALA C 274 -0.61 56.16 -13.35
CA ALA C 274 -0.22 57.20 -14.30
C ALA C 274 0.67 58.27 -13.70
N ALA C 275 0.42 58.62 -12.44
CA ALA C 275 1.20 59.66 -11.77
C ALA C 275 2.66 59.25 -11.61
N GLY C 276 2.89 57.95 -11.65
CA GLY C 276 4.23 57.40 -11.58
C GLY C 276 5.10 57.62 -12.79
N GLU C 277 4.51 58.01 -13.92
CA GLU C 277 5.32 58.14 -15.13
C GLU C 277 5.47 59.59 -15.59
N ILE C 278 4.60 60.46 -15.09
CA ILE C 278 4.63 61.89 -15.40
C ILE C 278 4.01 62.68 -14.26
N TRP D 4 -12.23 25.54 10.44
CA TRP D 4 -12.85 24.25 10.71
C TRP D 4 -12.59 23.29 9.55
N LEU D 5 -12.81 23.77 8.33
CA LEU D 5 -12.54 22.96 7.14
C LEU D 5 -11.56 23.65 6.22
N PRO D 6 -10.27 23.67 6.59
CA PRO D 6 -9.33 24.30 5.64
C PRO D 6 -9.08 23.40 4.45
N LEU D 7 -8.82 23.99 3.29
CA LEU D 7 -8.56 23.21 2.09
C LEU D 7 -7.28 23.68 1.41
N ASN D 8 -6.18 22.98 1.62
CA ASN D 8 -4.91 23.41 1.08
C ASN D 8 -4.39 22.49 -0.03
N PRO D 9 -3.77 23.08 -1.05
CA PRO D 9 -3.21 22.29 -2.16
C PRO D 9 -1.99 21.46 -1.73
N ILE D 10 -1.78 20.34 -2.41
CA ILE D 10 -0.64 19.49 -2.12
C ILE D 10 0.47 19.79 -3.13
N PRO D 11 1.74 19.51 -2.76
CA PRO D 11 2.88 19.73 -3.66
C PRO D 11 2.65 19.12 -5.05
N LEU D 12 3.05 19.86 -6.08
CA LEU D 12 2.72 19.49 -7.46
C LEU D 12 3.42 18.21 -7.91
N LYS D 13 4.62 17.96 -7.40
CA LYS D 13 5.37 16.78 -7.79
C LYS D 13 4.73 15.49 -7.26
N ASP D 14 3.86 15.64 -6.27
CA ASP D 14 3.18 14.49 -5.67
C ASP D 14 1.83 14.21 -6.34
N ARG D 15 1.62 14.76 -7.53
CA ARG D 15 0.34 14.65 -8.20
C ARG D 15 0.42 13.84 -9.48
N VAL D 16 -0.75 13.46 -10.01
CA VAL D 16 -0.84 12.91 -11.36
C VAL D 16 -0.77 14.06 -12.34
N SER D 17 -0.09 13.86 -13.46
CA SER D 17 0.15 14.93 -14.42
C SER D 17 -1.13 15.57 -14.99
N MET D 18 -2.00 14.76 -15.58
CA MET D 18 -3.17 15.30 -16.27
C MET D 18 -4.36 14.35 -16.40
N ILE D 19 -5.55 14.93 -16.55
CA ILE D 19 -6.77 14.16 -16.80
C ILE D 19 -7.59 14.90 -17.87
N PHE D 20 -8.19 14.15 -18.78
CA PHE D 20 -9.03 14.73 -19.82
C PHE D 20 -10.51 14.39 -19.59
N LEU D 21 -11.35 15.41 -19.60
CA LEU D 21 -12.79 15.22 -19.37
C LEU D 21 -13.63 15.74 -20.53
N GLN D 22 -14.64 14.96 -20.94
CA GLN D 22 -15.46 15.34 -22.08
C GLN D 22 -16.93 14.90 -21.95
N TYR D 23 -17.82 15.69 -22.53
CA TYR D 23 -19.24 15.34 -22.65
C TYR D 23 -19.92 14.99 -21.33
N GLY D 24 -20.16 16.02 -20.53
CA GLY D 24 -20.87 15.89 -19.27
C GLY D 24 -20.81 17.18 -18.50
N GLN D 25 -21.66 17.32 -17.50
CA GLN D 25 -21.64 18.51 -16.66
C GLN D 25 -20.84 18.25 -15.39
N ILE D 26 -20.14 19.28 -14.94
CA ILE D 26 -19.29 19.20 -13.75
C ILE D 26 -19.95 19.85 -12.54
N ASP D 27 -20.19 19.07 -11.50
CA ASP D 27 -20.82 19.60 -10.29
C ASP D 27 -19.92 19.40 -9.09
N VAL D 28 -20.42 19.78 -7.91
CA VAL D 28 -19.69 19.59 -6.67
C VAL D 28 -20.57 18.86 -5.68
N ILE D 29 -20.94 17.63 -6.03
CA ILE D 29 -21.75 16.80 -5.15
C ILE D 29 -20.99 16.54 -3.86
N ASP D 30 -21.36 17.26 -2.80
CA ASP D 30 -20.81 17.09 -1.46
C ASP D 30 -19.31 17.31 -1.35
N GLY D 31 -18.82 18.42 -1.87
CA GLY D 31 -17.43 18.78 -1.61
C GLY D 31 -16.43 18.36 -2.66
N ALA D 32 -16.85 17.58 -3.65
CA ALA D 32 -15.91 17.00 -4.60
C ALA D 32 -16.31 17.13 -6.06
N PHE D 33 -15.28 17.10 -6.92
CA PHE D 33 -15.41 17.16 -8.37
C PHE D 33 -16.11 15.93 -8.94
N VAL D 34 -17.22 16.12 -9.64
CA VAL D 34 -17.92 15.01 -10.27
C VAL D 34 -18.24 15.29 -11.73
N LEU D 35 -18.18 14.26 -12.56
CA LEU D 35 -18.55 14.38 -13.97
C LEU D 35 -19.77 13.52 -14.29
N ILE D 36 -20.90 14.17 -14.49
CA ILE D 36 -22.14 13.48 -14.84
C ILE D 36 -22.36 13.46 -16.35
N ASP D 37 -22.38 12.27 -16.94
CA ASP D 37 -22.55 12.15 -18.39
C ASP D 37 -24.03 12.27 -18.74
N LYS D 38 -24.35 12.23 -20.03
CA LYS D 38 -25.73 12.36 -20.48
C LYS D 38 -26.62 11.21 -20.02
N THR D 39 -26.01 10.07 -19.71
CA THR D 39 -26.76 8.91 -19.24
C THR D 39 -26.92 8.94 -17.72
N GLY D 40 -26.31 9.93 -17.08
CA GLY D 40 -26.46 10.11 -15.64
C GLY D 40 -25.51 9.33 -14.74
N ILE D 41 -24.44 8.79 -15.31
CA ILE D 41 -23.47 8.07 -14.48
C ILE D 41 -22.54 9.09 -13.81
N ARG D 42 -22.24 8.86 -12.54
CA ARG D 42 -21.39 9.79 -11.79
C ARG D 42 -19.94 9.35 -11.82
N THR D 43 -19.04 10.29 -12.08
CA THR D 43 -17.61 9.98 -12.07
C THR D 43 -16.83 10.96 -11.20
N HIS D 44 -16.49 10.54 -9.99
CA HIS D 44 -15.70 11.38 -9.10
C HIS D 44 -14.30 11.59 -9.65
N ILE D 45 -13.86 12.84 -9.65
CA ILE D 45 -12.53 13.19 -10.11
C ILE D 45 -11.79 13.82 -8.95
N PRO D 46 -10.64 13.25 -8.56
CA PRO D 46 -9.94 13.93 -7.47
C PRO D 46 -9.24 15.17 -8.02
N VAL D 47 -9.64 16.36 -7.57
CA VAL D 47 -8.97 17.55 -8.08
C VAL D 47 -7.60 17.68 -7.41
N GLY D 48 -7.47 17.05 -6.26
CA GLY D 48 -6.18 16.87 -5.62
C GLY D 48 -5.58 15.71 -6.39
N SER D 49 -4.27 15.49 -6.25
CA SER D 49 -3.55 14.45 -6.97
C SER D 49 -3.69 14.58 -8.49
N VAL D 50 -3.95 15.81 -8.96
CA VAL D 50 -4.05 16.12 -10.39
C VAL D 50 -3.49 17.51 -10.66
N ALA D 51 -2.29 17.57 -11.23
CA ALA D 51 -1.66 18.85 -11.53
C ALA D 51 -2.51 19.72 -12.46
N CYS D 52 -3.13 19.13 -13.48
CA CYS D 52 -3.94 19.89 -14.42
C CYS D 52 -5.12 19.08 -14.97
N ILE D 53 -6.26 19.73 -15.12
CA ILE D 53 -7.45 19.08 -15.67
C ILE D 53 -7.84 19.69 -17.01
N MET D 54 -7.90 18.85 -18.02
CA MET D 54 -8.23 19.29 -19.38
C MET D 54 -9.71 19.12 -19.70
N LEU D 55 -10.37 20.21 -20.05
CA LEU D 55 -11.80 20.18 -20.34
C LEU D 55 -12.07 20.19 -21.84
N GLU D 56 -12.38 19.01 -22.38
CA GLU D 56 -12.69 18.86 -23.79
C GLU D 56 -14.12 19.34 -24.10
N PRO D 57 -14.41 19.60 -25.39
CA PRO D 57 -15.76 20.06 -25.78
C PRO D 57 -16.88 19.13 -25.30
N GLY D 58 -17.99 19.74 -24.90
CA GLY D 58 -19.14 18.99 -24.41
C GLY D 58 -19.25 19.05 -22.90
N THR D 59 -18.36 19.80 -22.27
CA THR D 59 -18.35 19.92 -20.82
C THR D 59 -18.96 21.24 -20.36
N ARG D 60 -19.73 21.18 -19.28
CA ARG D 60 -20.29 22.38 -18.69
C ARG D 60 -19.89 22.45 -17.22
N VAL D 61 -19.11 23.47 -16.88
CA VAL D 61 -18.57 23.59 -15.53
C VAL D 61 -19.38 24.57 -14.69
N SER D 62 -19.72 24.15 -13.47
CA SER D 62 -20.46 25.00 -12.55
C SER D 62 -19.53 25.99 -11.85
N HIS D 63 -20.12 27.07 -11.34
CA HIS D 63 -19.37 28.09 -10.62
C HIS D 63 -18.63 27.50 -9.43
N ALA D 64 -19.30 26.63 -8.70
CA ALA D 64 -18.72 25.98 -7.53
C ALA D 64 -17.56 25.05 -7.88
N ALA D 65 -17.64 24.44 -9.05
CA ALA D 65 -16.60 23.52 -9.51
C ALA D 65 -15.28 24.25 -9.78
N VAL D 66 -15.37 25.41 -10.42
CA VAL D 66 -14.18 26.21 -10.69
C VAL D 66 -13.57 26.68 -9.38
N ARG D 67 -14.43 26.97 -8.41
CA ARG D 67 -13.99 27.42 -7.09
C ARG D 67 -13.20 26.34 -6.36
N LEU D 68 -13.69 25.11 -6.40
CA LEU D 68 -13.04 23.99 -5.74
C LEU D 68 -11.68 23.69 -6.36
N ALA D 69 -11.63 23.78 -7.69
CA ALA D 69 -10.40 23.52 -8.43
C ALA D 69 -9.30 24.51 -8.09
N ALA D 70 -9.70 25.75 -7.79
CA ALA D 70 -8.74 26.80 -7.48
C ALA D 70 -8.17 26.65 -6.07
N GLN D 71 -9.00 26.19 -5.14
CA GLN D 71 -8.57 26.02 -3.76
C GLN D 71 -7.51 24.92 -3.63
N VAL D 72 -7.70 23.83 -4.36
CA VAL D 72 -6.76 22.72 -4.30
C VAL D 72 -5.61 22.94 -5.26
N GLY D 73 -5.63 24.09 -5.94
CA GLY D 73 -4.55 24.50 -6.81
C GLY D 73 -4.41 23.68 -8.08
N THR D 74 -5.54 23.25 -8.63
CA THR D 74 -5.54 22.48 -9.86
C THR D 74 -5.86 23.37 -11.05
N LEU D 75 -4.97 23.40 -12.03
CA LEU D 75 -5.16 24.21 -13.22
C LEU D 75 -6.26 23.62 -14.11
N LEU D 76 -7.17 24.46 -14.56
CA LEU D 76 -8.23 24.03 -15.47
C LEU D 76 -7.97 24.54 -16.87
N VAL D 77 -7.91 23.61 -17.82
CA VAL D 77 -7.62 24.00 -19.20
C VAL D 77 -8.71 23.51 -20.16
N TRP D 78 -9.32 24.46 -20.86
CA TRP D 78 -10.28 24.15 -21.91
C TRP D 78 -9.51 23.90 -23.19
N VAL D 79 -9.57 22.69 -23.72
CA VAL D 79 -8.75 22.39 -24.88
C VAL D 79 -9.57 22.22 -26.16
N GLY D 80 -8.88 22.46 -27.28
CA GLY D 80 -9.43 22.30 -28.61
C GLY D 80 -9.12 20.97 -29.28
N GLU D 81 -9.02 21.03 -30.61
CA GLU D 81 -8.70 19.88 -31.43
C GLU D 81 -7.23 19.51 -31.27
N ALA D 82 -6.96 18.21 -31.11
CA ALA D 82 -5.62 17.69 -30.88
C ALA D 82 -5.00 18.25 -29.60
N GLY D 83 -5.85 18.57 -28.64
CA GLY D 83 -5.40 18.99 -27.32
C GLY D 83 -4.78 20.37 -27.24
N VAL D 84 -5.02 21.20 -28.25
CA VAL D 84 -4.48 22.56 -28.27
C VAL D 84 -5.10 23.31 -27.09
N ARG D 85 -4.62 24.50 -26.76
CA ARG D 85 -5.17 25.19 -25.61
C ARG D 85 -5.97 26.41 -26.00
N VAL D 86 -7.17 26.50 -25.45
CA VAL D 86 -8.05 27.63 -25.67
C VAL D 86 -7.97 28.58 -24.50
N TYR D 87 -8.58 28.20 -23.38
CA TYR D 87 -8.64 29.04 -22.20
C TYR D 87 -8.05 28.33 -20.98
N ALA D 88 -7.93 29.05 -19.88
CA ALA D 88 -7.50 28.46 -18.62
C ALA D 88 -7.98 29.28 -17.43
N SER D 89 -8.23 28.62 -16.31
CA SER D 89 -8.63 29.30 -15.08
C SER D 89 -7.79 28.82 -13.90
N GLY D 90 -7.64 29.67 -12.90
CA GLY D 90 -6.88 29.34 -11.71
C GLY D 90 -6.90 30.52 -10.76
N GLN D 91 -6.31 30.34 -9.58
CA GLN D 91 -6.28 31.39 -8.55
C GLN D 91 -5.87 32.74 -9.13
N PRO D 92 -6.73 33.75 -8.96
CA PRO D 92 -6.53 35.08 -9.53
C PRO D 92 -5.22 35.69 -9.03
N GLY D 93 -5.03 35.64 -7.71
CA GLY D 93 -3.79 36.05 -7.11
C GLY D 93 -2.94 34.80 -7.21
N GLY D 94 -2.56 34.25 -6.06
CA GLY D 94 -1.79 33.01 -6.05
C GLY D 94 -0.43 33.21 -6.68
N ALA D 95 0.13 34.40 -6.49
CA ALA D 95 1.42 34.72 -7.08
C ALA D 95 2.31 35.37 -6.04
N ARG D 96 3.61 35.12 -6.18
CA ARG D 96 4.59 35.65 -5.25
C ARG D 96 5.21 36.92 -5.77
N SER D 97 5.14 37.97 -4.96
CA SER D 97 5.63 39.28 -5.33
C SER D 97 7.13 39.27 -5.56
N ASP D 98 7.87 38.59 -4.68
CA ASP D 98 9.32 38.54 -4.81
C ASP D 98 9.71 37.83 -6.11
N LYS D 99 8.97 36.79 -6.46
CA LYS D 99 9.27 36.01 -7.66
C LYS D 99 8.80 36.70 -8.93
N LEU D 100 7.67 37.41 -8.86
CA LEU D 100 7.16 38.17 -9.99
C LEU D 100 8.09 39.31 -10.34
N LEU D 101 8.54 40.05 -9.32
CA LEU D 101 9.42 41.18 -9.51
C LEU D 101 10.81 40.73 -9.93
N TYR D 102 11.20 39.54 -9.48
CA TYR D 102 12.46 38.93 -9.90
C TYR D 102 12.43 38.66 -11.40
N GLN D 103 11.37 37.99 -11.84
CA GLN D 103 11.18 37.70 -13.25
C GLN D 103 11.05 38.99 -14.06
N ALA D 104 10.34 39.96 -13.50
CA ALA D 104 10.11 41.24 -14.16
C ALA D 104 11.41 42.01 -14.35
N LYS D 105 12.23 42.07 -13.30
CA LYS D 105 13.51 42.78 -13.36
C LYS D 105 14.41 42.18 -14.43
N LEU D 106 14.38 40.86 -14.55
CA LEU D 106 15.19 40.16 -15.53
C LEU D 106 14.70 40.43 -16.95
N ALA D 107 13.42 40.76 -17.07
CA ALA D 107 12.82 40.99 -18.38
C ALA D 107 12.95 42.46 -18.79
N LEU D 108 12.92 43.35 -17.80
CA LEU D 108 13.00 44.78 -18.06
C LEU D 108 14.39 45.21 -18.52
N ASP D 109 15.42 44.71 -17.86
CA ASP D 109 16.79 45.08 -18.21
C ASP D 109 17.23 44.33 -19.47
N GLU D 110 17.68 45.09 -20.46
CA GLU D 110 18.02 44.54 -21.76
C GLU D 110 19.20 43.57 -21.68
N ASP D 111 20.19 43.93 -20.87
CA ASP D 111 21.39 43.11 -20.69
C ASP D 111 21.10 41.82 -19.96
N LEU D 112 20.30 41.92 -18.91
CA LEU D 112 19.94 40.79 -18.06
C LEU D 112 19.07 39.81 -18.82
N ARG D 113 18.19 40.35 -19.66
CA ARG D 113 17.30 39.52 -20.45
C ARG D 113 18.05 38.59 -21.39
N LEU D 114 19.09 39.13 -22.02
CA LEU D 114 19.93 38.37 -22.96
C LEU D 114 20.67 37.24 -22.26
N LYS D 115 21.11 37.49 -21.03
CA LYS D 115 21.81 36.49 -20.24
C LYS D 115 20.89 35.31 -19.96
N VAL D 116 19.62 35.59 -19.72
CA VAL D 116 18.63 34.55 -19.48
C VAL D 116 18.41 33.73 -20.75
N VAL D 117 18.33 34.41 -21.88
CA VAL D 117 18.11 33.75 -23.17
C VAL D 117 19.25 32.80 -23.52
N ARG D 118 20.48 33.25 -23.29
CA ARG D 118 21.66 32.43 -23.58
C ARG D 118 21.67 31.16 -22.73
N LYS D 119 21.19 31.28 -21.50
CA LYS D 119 21.11 30.15 -20.58
C LYS D 119 20.11 29.09 -21.07
N MET D 120 18.99 29.56 -21.61
CA MET D 120 17.97 28.67 -22.17
C MET D 120 18.55 27.85 -23.32
N PHE D 121 19.33 28.51 -24.17
CA PHE D 121 19.98 27.87 -25.30
C PHE D 121 20.92 26.76 -24.83
N GLU D 122 21.73 27.07 -23.82
CA GLU D 122 22.73 26.14 -23.32
C GLU D 122 22.10 24.90 -22.67
N LEU D 123 21.05 25.10 -21.89
CA LEU D 123 20.38 24.00 -21.22
C LEU D 123 19.63 23.09 -22.20
N ARG D 124 19.24 23.66 -23.33
CA ARG D 124 18.44 22.93 -24.32
C ARG D 124 19.28 22.03 -25.20
N PHE D 125 20.36 22.56 -25.75
CA PHE D 125 21.17 21.82 -26.71
C PHE D 125 22.36 21.14 -26.05
N GLY D 126 22.66 21.54 -24.81
CA GLY D 126 23.74 20.94 -24.05
C GLY D 126 25.08 21.59 -24.31
N GLU D 127 25.05 22.69 -25.07
CA GLU D 127 26.27 23.44 -25.38
C GLU D 127 25.98 24.93 -25.43
N PRO D 128 26.97 25.75 -25.02
CA PRO D 128 26.82 27.22 -24.99
C PRO D 128 26.48 27.82 -26.35
N ALA D 129 25.71 28.90 -26.34
CA ALA D 129 25.36 29.62 -27.56
C ALA D 129 26.54 30.42 -28.06
N PRO D 130 26.62 30.63 -29.38
CA PRO D 130 27.68 31.45 -29.97
C PRO D 130 27.72 32.86 -29.37
N ALA D 131 28.92 33.43 -29.27
CA ALA D 131 29.09 34.72 -28.61
C ALA D 131 28.58 35.87 -29.47
N ARG D 132 28.20 36.96 -28.81
CA ARG D 132 27.74 38.19 -29.45
C ARG D 132 26.61 37.96 -30.45
N ARG D 133 25.67 37.10 -30.07
CA ARG D 133 24.47 36.87 -30.88
C ARG D 133 23.24 37.43 -30.17
N SER D 134 22.32 38.01 -30.95
CA SER D 134 21.12 38.62 -30.40
C SER D 134 19.99 37.61 -30.28
N VAL D 135 18.89 38.03 -29.64
CA VAL D 135 17.74 37.15 -29.44
C VAL D 135 17.17 36.65 -30.77
N GLU D 136 17.01 37.55 -31.74
CA GLU D 136 16.53 37.15 -33.05
C GLU D 136 17.49 36.18 -33.75
N GLN D 137 18.78 36.41 -33.57
CA GLN D 137 19.79 35.55 -34.21
C GLN D 137 19.90 34.18 -33.54
N LEU D 138 19.82 34.14 -32.22
CA LEU D 138 19.83 32.87 -31.48
C LEU D 138 18.58 32.08 -31.80
N ARG D 139 17.50 32.80 -32.06
CA ARG D 139 16.22 32.24 -32.41
C ARG D 139 16.30 31.59 -33.79
N GLY D 140 17.11 32.18 -34.66
CA GLY D 140 17.35 31.64 -35.99
C GLY D 140 18.21 30.38 -36.01
N ILE D 141 19.24 30.36 -35.17
CA ILE D 141 20.11 29.20 -35.01
C ILE D 141 19.31 28.02 -34.48
N GLU D 142 18.44 28.32 -33.52
CA GLU D 142 17.54 27.35 -32.91
C GLU D 142 16.75 26.59 -33.96
N GLY D 143 16.11 27.33 -34.86
CA GLY D 143 15.29 26.75 -35.91
C GLY D 143 15.99 25.78 -36.84
N SER D 144 17.21 26.10 -37.25
CA SER D 144 17.98 25.25 -38.15
C SER D 144 18.27 23.90 -37.50
N ARG D 145 18.63 23.92 -36.22
CA ARG D 145 18.93 22.69 -35.47
C ARG D 145 17.69 21.83 -35.26
N VAL D 146 16.56 22.48 -34.99
CA VAL D 146 15.30 21.78 -34.78
C VAL D 146 14.91 21.02 -36.04
N ARG D 147 15.07 21.67 -37.19
CA ARG D 147 14.80 21.07 -38.48
C ARG D 147 15.64 19.83 -38.70
N ALA D 148 16.89 19.87 -38.23
CA ALA D 148 17.77 18.71 -38.28
C ALA D 148 17.25 17.61 -37.37
N THR D 149 16.75 18.01 -36.20
CA THR D 149 16.23 17.07 -35.22
C THR D 149 15.01 16.32 -35.74
N TYR D 150 14.10 17.05 -36.38
CA TYR D 150 12.92 16.46 -37.00
C TYR D 150 13.30 15.36 -38.00
N ALA D 151 14.28 15.67 -38.84
CA ALA D 151 14.76 14.72 -39.84
C ALA D 151 15.42 13.53 -39.16
N LEU D 152 16.22 13.80 -38.14
CA LEU D 152 16.91 12.77 -37.40
C LEU D 152 15.93 11.84 -36.69
N LEU D 153 14.96 12.43 -36.00
CA LEU D 153 13.95 11.65 -35.29
C LEU D 153 13.09 10.81 -36.22
N ALA D 154 12.79 11.35 -37.40
CA ALA D 154 11.99 10.64 -38.38
C ALA D 154 12.67 9.39 -38.91
N LYS D 155 13.96 9.50 -39.19
CA LYS D 155 14.73 8.38 -39.72
C LYS D 155 14.98 7.34 -38.63
N GLN D 156 15.11 7.80 -37.40
CA GLN D 156 15.37 6.90 -36.28
C GLN D 156 14.15 6.05 -35.94
N TYR D 157 12.96 6.62 -36.09
CA TYR D 157 11.73 5.87 -35.82
C TYR D 157 11.02 5.41 -37.09
N GLY D 158 11.63 5.67 -38.25
CA GLY D 158 11.05 5.26 -39.51
C GLY D 158 9.69 5.87 -39.79
N VAL D 159 9.60 7.20 -39.65
CA VAL D 159 8.36 7.91 -39.88
C VAL D 159 8.46 8.73 -41.16
N THR D 160 7.43 8.66 -42.00
CA THR D 160 7.39 9.45 -43.22
C THR D 160 7.24 10.93 -42.88
N TRP D 161 8.28 11.69 -43.16
CA TRP D 161 8.33 13.11 -42.80
C TRP D 161 8.35 14.02 -44.02
N ASN D 162 7.46 15.01 -44.04
CA ASN D 162 7.41 16.00 -45.11
C ASN D 162 7.58 17.40 -44.56
N GLY D 163 7.41 17.55 -43.25
CA GLY D 163 7.58 18.84 -42.61
C GLY D 163 6.58 19.06 -41.49
N ARG D 164 6.82 20.11 -40.71
CA ARG D 164 5.92 20.48 -39.62
C ARG D 164 4.71 21.24 -40.16
N ARG D 165 3.53 20.68 -39.94
CA ARG D 165 2.29 21.35 -40.32
C ARG D 165 1.51 21.70 -39.06
N TYR D 166 1.44 23.00 -38.76
CA TYR D 166 0.83 23.46 -37.51
C TYR D 166 -0.70 23.42 -37.58
N ASP D 167 -1.25 23.92 -38.68
CA ASP D 167 -2.69 24.00 -38.83
C ASP D 167 -3.26 22.63 -39.22
N PRO D 168 -4.37 22.23 -38.58
CA PRO D 168 -5.05 20.97 -38.85
C PRO D 168 -5.54 20.84 -40.29
N LYS D 169 -5.59 21.97 -40.98
CA LYS D 169 -5.99 22.01 -42.37
C LYS D 169 -4.97 21.32 -43.27
N ASP D 170 -3.69 21.47 -42.95
CA ASP D 170 -2.65 20.99 -43.85
C ASP D 170 -2.31 19.50 -43.70
N TRP D 171 -2.81 18.84 -42.65
CA TRP D 171 -2.62 17.40 -42.57
C TRP D 171 -3.86 16.64 -43.04
N GLY D 174 -4.32 11.41 -43.92
CA GLY D 174 -4.22 10.30 -42.98
C GLY D 174 -2.85 10.18 -42.34
N ASP D 175 -2.02 11.19 -42.53
CA ASP D 175 -0.67 11.21 -41.95
C ASP D 175 -0.75 11.67 -40.49
N THR D 176 -0.63 10.72 -39.57
CA THR D 176 -0.82 10.93 -38.15
C THR D 176 0.32 11.61 -37.37
N ILE D 177 1.42 11.94 -38.04
CA ILE D 177 2.61 12.43 -37.33
C ILE D 177 2.50 13.85 -36.77
N ASN D 178 2.00 14.81 -37.55
CA ASN D 178 1.88 16.17 -37.05
C ASN D 178 0.83 16.32 -35.95
N GLN D 179 -0.27 15.59 -36.08
CA GLN D 179 -1.30 15.59 -35.05
C GLN D 179 -0.76 15.09 -33.72
N CYS D 180 0.21 14.18 -33.78
CA CYS D 180 0.82 13.62 -32.58
C CYS D 180 1.78 14.61 -31.93
N ILE D 181 2.56 15.30 -32.75
CA ILE D 181 3.52 16.28 -32.24
C ILE D 181 2.82 17.46 -31.59
N SER D 182 1.79 17.98 -32.26
CA SER D 182 1.02 19.10 -31.75
C SER D 182 0.26 18.72 -30.47
N ALA D 183 -0.18 17.47 -30.40
CA ALA D 183 -0.90 16.99 -29.22
C ALA D 183 0.06 16.71 -28.07
N ALA D 184 1.28 16.31 -28.39
CA ALA D 184 2.27 15.99 -27.38
C ALA D 184 2.79 17.24 -26.66
N THR D 185 3.19 18.24 -27.44
CA THR D 185 3.72 19.47 -26.87
C THR D 185 2.64 20.22 -26.10
N SER D 186 1.38 20.02 -26.50
CA SER D 186 0.26 20.63 -25.81
C SER D 186 0.13 20.09 -24.40
N CYS D 187 0.36 18.79 -24.25
CA CYS D 187 0.36 18.17 -22.93
C CYS D 187 1.48 18.76 -22.08
N LEU D 188 2.62 19.00 -22.73
CA LEU D 188 3.77 19.58 -22.04
C LEU D 188 3.48 21.02 -21.63
N TYR D 189 2.80 21.75 -22.50
CA TYR D 189 2.42 23.13 -22.21
C TYR D 189 1.42 23.18 -21.06
N GLY D 190 0.64 22.12 -20.91
CA GLY D 190 -0.34 22.02 -19.84
C GLY D 190 0.30 21.99 -18.46
N VAL D 191 1.16 21.00 -18.24
CA VAL D 191 1.81 20.84 -16.95
C VAL D 191 2.81 21.96 -16.68
N THR D 192 3.34 22.55 -17.75
CA THR D 192 4.30 23.64 -17.62
C THR D 192 3.62 24.90 -17.09
N GLU D 193 2.46 25.23 -17.65
CA GLU D 193 1.70 26.38 -17.19
C GLU D 193 1.25 26.17 -15.74
N ALA D 194 0.83 24.96 -15.42
CA ALA D 194 0.41 24.62 -14.07
C ALA D 194 1.56 24.73 -13.08
N ALA D 195 2.76 24.38 -13.53
CA ALA D 195 3.95 24.46 -12.68
C ALA D 195 4.36 25.90 -12.42
N ILE D 196 4.36 26.71 -13.47
CA ILE D 196 4.74 28.11 -13.37
C ILE D 196 3.83 28.89 -12.42
N LEU D 197 2.52 28.67 -12.55
CA LEU D 197 1.55 29.34 -11.70
C LEU D 197 1.71 28.94 -10.23
N ALA D 198 1.89 27.64 -10.00
CA ALA D 198 2.09 27.13 -8.65
C ALA D 198 3.39 27.65 -8.06
N ALA D 199 4.40 27.82 -8.92
CA ALA D 199 5.69 28.33 -8.49
C ALA D 199 5.63 29.82 -8.16
N GLY D 200 4.63 30.50 -8.72
CA GLY D 200 4.42 31.91 -8.43
C GLY D 200 4.98 32.84 -9.48
N TYR D 201 5.19 32.33 -10.69
CA TYR D 201 5.72 33.13 -11.78
C TYR D 201 4.64 33.47 -12.80
N ALA D 202 4.95 34.37 -13.72
CA ALA D 202 4.01 34.78 -14.75
C ALA D 202 4.27 34.04 -16.05
N PRO D 203 3.22 33.41 -16.61
CA PRO D 203 3.34 32.71 -17.90
C PRO D 203 3.47 33.68 -19.07
N ALA D 204 3.12 34.93 -18.85
CA ALA D 204 3.07 35.92 -19.92
C ALA D 204 4.41 36.61 -20.18
N ILE D 205 5.27 36.65 -19.16
CA ILE D 205 6.55 37.34 -19.30
C ILE D 205 7.64 36.40 -19.83
N GLY D 206 7.96 36.53 -21.11
CA GLY D 206 8.91 35.64 -21.74
C GLY D 206 10.19 36.31 -22.19
N PHE D 207 11.24 35.52 -22.38
CA PHE D 207 12.54 36.03 -22.79
C PHE D 207 12.85 35.70 -24.25
N VAL D 208 12.66 34.44 -24.62
CA VAL D 208 12.83 34.02 -26.02
C VAL D 208 11.54 34.30 -26.78
N HIS D 209 10.43 33.80 -26.25
CA HIS D 209 9.11 34.10 -26.79
C HIS D 209 8.58 35.40 -26.20
N THR D 210 7.96 36.23 -27.04
CA THR D 210 7.36 37.49 -26.58
C THR D 210 6.03 37.75 -27.27
N GLY D 211 5.17 38.52 -26.60
CA GLY D 211 3.90 38.91 -27.17
C GLY D 211 2.77 37.93 -26.88
N LYS D 212 3.13 36.67 -26.68
CA LYS D 212 2.13 35.64 -26.37
C LYS D 212 1.79 35.65 -24.89
N PRO D 213 0.52 35.37 -24.55
CA PRO D 213 0.06 35.31 -23.16
C PRO D 213 0.67 34.15 -22.39
N LEU D 214 1.35 33.26 -23.10
CA LEU D 214 2.04 32.12 -22.48
C LEU D 214 3.50 32.06 -22.91
N SER D 215 4.10 33.23 -23.12
CA SER D 215 5.47 33.31 -23.63
C SER D 215 6.48 32.59 -22.73
N PHE D 216 6.32 32.72 -21.42
CA PHE D 216 7.24 32.09 -20.49
C PHE D 216 7.05 30.58 -20.46
N VAL D 217 5.82 30.14 -20.71
CA VAL D 217 5.52 28.71 -20.79
C VAL D 217 6.26 28.08 -21.96
N TYR D 218 6.22 28.76 -23.10
CA TYR D 218 6.89 28.29 -24.30
C TYR D 218 8.39 28.25 -24.09
N ASP D 219 8.92 29.27 -23.41
CA ASP D 219 10.35 29.35 -23.13
C ASP D 219 10.84 28.13 -22.34
N ILE D 220 10.15 27.80 -21.26
CA ILE D 220 10.57 26.71 -20.39
C ILE D 220 10.34 25.35 -21.05
N ALA D 221 9.17 25.18 -21.67
CA ALA D 221 8.81 23.91 -22.28
C ALA D 221 9.71 23.53 -23.46
N ASP D 222 10.07 24.51 -24.28
CA ASP D 222 10.90 24.26 -25.46
C ASP D 222 12.29 23.72 -25.11
N ILE D 223 12.76 24.03 -23.90
CA ILE D 223 14.08 23.61 -23.46
C ILE D 223 14.18 22.09 -23.33
N ILE D 224 13.14 21.48 -22.78
CA ILE D 224 13.15 20.04 -22.53
C ILE D 224 12.17 19.29 -23.42
N LYS D 225 11.66 19.99 -24.44
CA LYS D 225 10.62 19.44 -25.31
C LYS D 225 11.12 18.25 -26.12
N PHE D 226 12.32 18.37 -26.67
CA PHE D 226 12.88 17.34 -27.54
C PHE D 226 13.67 16.30 -26.76
N ASP D 227 13.80 16.51 -25.46
CA ASP D 227 14.51 15.58 -24.60
C ASP D 227 13.69 14.33 -24.36
N THR D 228 12.37 14.47 -24.40
CA THR D 228 11.47 13.38 -24.04
C THR D 228 10.13 13.36 -24.78
N VAL D 229 9.42 14.48 -24.76
CA VAL D 229 8.05 14.53 -25.26
C VAL D 229 7.92 14.27 -26.76
N VAL D 230 8.56 15.10 -27.57
CA VAL D 230 8.47 14.98 -29.04
C VAL D 230 8.91 13.62 -29.60
N PRO D 231 10.06 13.07 -29.15
CA PRO D 231 10.43 11.75 -29.68
C PRO D 231 9.42 10.66 -29.35
N LYS D 232 8.65 10.85 -28.28
CA LYS D 232 7.62 9.89 -27.90
C LYS D 232 6.45 9.97 -28.86
N ALA D 233 6.25 11.15 -29.43
CA ALA D 233 5.18 11.38 -30.39
C ALA D 233 5.45 10.63 -31.70
N PHE D 234 6.72 10.56 -32.08
CA PHE D 234 7.12 9.83 -33.28
C PHE D 234 6.87 8.34 -33.12
N GLU D 235 7.03 7.84 -31.88
CA GLU D 235 6.76 6.44 -31.57
C GLU D 235 5.30 6.10 -31.83
N ILE D 236 4.40 6.98 -31.40
CA ILE D 236 2.97 6.77 -31.57
C ILE D 236 2.62 6.83 -33.05
N ALA D 237 3.15 7.84 -33.74
CA ALA D 237 2.89 8.04 -35.16
C ALA D 237 3.46 6.91 -36.01
N ARG D 238 4.51 6.26 -35.50
CA ARG D 238 5.16 5.16 -36.19
C ARG D 238 4.21 3.99 -36.39
N ARG D 239 3.45 3.68 -35.34
CA ARG D 239 2.50 2.59 -35.40
C ARG D 239 1.22 3.00 -36.13
N ASN D 240 1.04 4.31 -36.26
CA ASN D 240 -0.13 4.89 -36.92
C ASN D 240 -1.42 4.25 -36.40
N PRO D 241 -1.75 4.49 -35.12
CA PRO D 241 -2.88 3.82 -34.48
C PRO D 241 -4.17 4.60 -34.55
N GLY D 242 -5.27 3.96 -34.13
CA GLY D 242 -6.53 4.65 -33.99
C GLY D 242 -6.37 5.56 -32.79
N GLU D 243 -7.29 6.51 -32.65
CA GLU D 243 -7.26 7.52 -31.56
C GLU D 243 -5.84 7.97 -31.17
N PRO D 244 -5.20 8.77 -32.03
CA PRO D 244 -3.82 9.22 -31.80
C PRO D 244 -3.72 10.07 -30.53
N ASP D 245 -4.76 10.84 -30.25
CA ASP D 245 -4.80 11.69 -29.07
C ASP D 245 -4.61 10.91 -27.78
N ARG D 246 -5.40 9.85 -27.61
CA ARG D 246 -5.35 9.06 -26.38
C ARG D 246 -4.00 8.41 -26.15
N GLU D 247 -3.45 7.80 -27.20
CA GLU D 247 -2.17 7.10 -27.09
C GLU D 247 -1.02 8.05 -26.76
N VAL D 248 -1.07 9.26 -27.31
CA VAL D 248 -0.03 10.25 -27.01
C VAL D 248 -0.12 10.70 -25.55
N ARG D 249 -1.34 10.97 -25.08
CA ARG D 249 -1.56 11.35 -23.69
C ARG D 249 -1.07 10.26 -22.73
N LEU D 250 -1.39 9.02 -23.06
CA LEU D 250 -0.97 7.88 -22.26
C LEU D 250 0.55 7.77 -22.26
N ALA D 251 1.15 8.01 -23.42
CA ALA D 251 2.60 7.97 -23.55
C ALA D 251 3.28 9.07 -22.75
N CYS D 252 2.71 10.28 -22.81
CA CYS D 252 3.23 11.44 -22.08
C CYS D 252 3.23 11.22 -20.57
N ARG D 253 2.20 10.54 -20.07
CA ARG D 253 2.11 10.23 -18.64
C ARG D 253 3.33 9.46 -18.15
N ASP D 254 3.70 8.42 -18.91
CA ASP D 254 4.85 7.60 -18.59
C ASP D 254 6.13 8.43 -18.52
N ILE D 255 6.26 9.38 -19.42
CA ILE D 255 7.42 10.27 -19.45
C ILE D 255 7.49 11.19 -18.24
N PHE D 256 6.39 11.88 -17.96
CA PHE D 256 6.32 12.80 -16.83
C PHE D 256 6.65 12.07 -15.53
N ARG D 257 6.26 10.82 -15.47
CA ARG D 257 6.56 9.95 -14.34
C ARG D 257 8.03 9.52 -14.33
N SER D 258 8.46 8.90 -15.43
CA SER D 258 9.82 8.36 -15.53
C SER D 258 10.88 9.44 -15.47
N SER D 259 10.59 10.60 -16.06
CA SER D 259 11.57 11.69 -16.10
C SER D 259 11.40 12.60 -14.90
N LYS D 260 10.37 12.34 -14.10
CA LYS D 260 10.05 13.15 -12.92
C LYS D 260 9.96 14.63 -13.32
N THR D 261 9.18 14.88 -14.36
CA THR D 261 9.06 16.22 -14.96
C THR D 261 8.56 17.28 -13.99
N LEU D 262 7.47 16.97 -13.28
CA LEU D 262 6.89 17.91 -12.33
C LEU D 262 7.89 18.32 -11.25
N ALA D 263 8.69 17.36 -10.81
CA ALA D 263 9.70 17.61 -9.78
C ALA D 263 10.82 18.50 -10.30
N LYS D 264 11.22 18.29 -11.56
CA LYS D 264 12.34 19.01 -12.14
C LYS D 264 11.96 20.32 -12.80
N LEU D 265 10.66 20.63 -12.87
CA LEU D 265 10.23 21.83 -13.56
C LEU D 265 10.52 23.11 -12.77
N ILE D 266 10.13 23.14 -11.50
CA ILE D 266 10.35 24.32 -10.66
C ILE D 266 11.84 24.68 -10.54
N PRO D 267 12.73 23.70 -10.30
CA PRO D 267 14.14 24.08 -10.23
C PRO D 267 14.69 24.60 -11.56
N LEU D 268 14.07 24.18 -12.66
CA LEU D 268 14.50 24.63 -13.98
C LEU D 268 14.30 26.13 -14.16
N ILE D 269 13.13 26.63 -13.76
CA ILE D 269 12.86 28.07 -13.84
C ILE D 269 13.91 28.88 -13.08
N GLU D 270 14.11 28.53 -11.82
CA GLU D 270 15.07 29.23 -10.97
C GLU D 270 16.50 29.12 -11.50
N ASP D 271 16.81 27.98 -12.10
CA ASP D 271 18.14 27.76 -12.68
C ASP D 271 18.35 28.66 -13.90
N VAL D 272 17.30 28.81 -14.70
CA VAL D 272 17.34 29.67 -15.88
C VAL D 272 17.49 31.13 -15.49
N LEU D 273 16.65 31.57 -14.56
CA LEU D 273 16.64 32.95 -14.10
C LEU D 273 17.89 33.31 -13.30
N ALA D 274 18.57 32.28 -12.80
CA ALA D 274 19.80 32.45 -12.02
C ALA D 274 20.89 33.09 -12.88
N ALA D 275 20.84 32.84 -14.18
CA ALA D 275 21.83 33.36 -15.12
C ALA D 275 21.85 34.88 -15.11
N GLY D 276 20.80 35.49 -14.57
CA GLY D 276 20.71 36.93 -14.43
C GLY D 276 21.73 37.47 -13.44
N GLU D 277 22.34 36.58 -12.66
CA GLU D 277 23.36 36.96 -11.66
C GLU D 277 22.81 37.78 -10.50
N ILE D 278 21.49 37.99 -10.47
CA ILE D 278 20.89 38.74 -9.39
C ILE D 278 20.25 37.78 -8.37
N GLN D 279 20.48 38.09 -7.09
CA GLN D 279 20.00 37.28 -5.98
C GLN D 279 18.49 37.09 -6.02
N PRO D 280 18.04 35.83 -6.17
CA PRO D 280 16.61 35.48 -6.23
C PRO D 280 15.88 35.84 -4.94
N MET E 2 7.69 -6.97 -2.62
CA MET E 2 6.48 -7.12 -1.80
C MET E 2 5.77 -5.78 -1.63
N SER E 3 4.51 -5.73 -2.03
CA SER E 3 3.75 -4.48 -1.99
C SER E 3 2.44 -4.65 -1.22
N MET E 4 1.88 -3.52 -0.78
CA MET E 4 0.65 -3.53 0.00
C MET E 4 -0.52 -4.07 -0.82
N LEU E 5 -1.43 -4.79 -0.17
CA LEU E 5 -2.54 -5.40 -0.87
C LEU E 5 -3.86 -5.12 -0.16
N VAL E 6 -4.91 -4.84 -0.95
CA VAL E 6 -6.24 -4.58 -0.41
C VAL E 6 -7.33 -5.25 -1.24
N VAL E 7 -8.15 -6.05 -0.58
CA VAL E 7 -9.23 -6.76 -1.27
C VAL E 7 -10.60 -6.43 -0.67
N VAL E 8 -11.49 -5.94 -1.53
CA VAL E 8 -12.84 -5.58 -1.11
C VAL E 8 -13.86 -6.48 -1.78
N THR E 9 -14.61 -7.24 -0.98
CA THR E 9 -15.55 -8.22 -1.50
C THR E 9 -17.00 -7.88 -1.20
N GLU E 10 -17.88 -8.26 -2.12
CA GLU E 10 -19.33 -8.11 -1.94
C GLU E 10 -20.06 -9.33 -2.50
N ASN E 11 -21.06 -9.79 -1.76
CA ASN E 11 -21.89 -10.93 -2.17
C ASN E 11 -21.09 -12.16 -2.56
N VAL E 12 -20.00 -12.42 -1.83
CA VAL E 12 -19.18 -13.59 -2.08
C VAL E 12 -19.50 -14.68 -1.06
N PRO E 13 -19.44 -15.95 -1.50
CA PRO E 13 -19.70 -17.08 -0.60
C PRO E 13 -18.67 -17.18 0.51
N PRO E 14 -19.07 -17.68 1.69
CA PRO E 14 -18.23 -17.80 2.89
C PRO E 14 -16.89 -18.48 2.67
N ARG E 15 -16.79 -19.35 1.66
CA ARG E 15 -15.52 -20.00 1.34
C ARG E 15 -14.40 -19.01 1.10
N LEU E 16 -14.69 -18.01 0.26
CA LEU E 16 -13.70 -17.02 -0.13
C LEU E 16 -13.30 -16.11 1.03
N ARG E 17 -14.29 -15.70 1.82
CA ARG E 17 -14.05 -14.79 2.94
C ARG E 17 -13.07 -15.39 3.94
N GLY E 18 -13.24 -16.66 4.24
CA GLY E 18 -12.32 -17.36 5.12
C GLY E 18 -10.95 -17.54 4.49
N ARG E 19 -10.93 -17.86 3.20
CA ARG E 19 -9.68 -18.06 2.47
C ARG E 19 -8.80 -16.81 2.53
N LEU E 20 -9.41 -15.67 2.28
CA LEU E 20 -8.71 -14.38 2.36
C LEU E 20 -8.21 -14.10 3.76
N ALA E 21 -8.89 -14.66 4.76
CA ALA E 21 -8.54 -14.44 6.16
C ALA E 21 -7.37 -15.32 6.59
N ILE E 22 -6.85 -16.13 5.67
CA ILE E 22 -5.70 -16.97 5.95
C ILE E 22 -4.41 -16.17 5.80
N TRP E 23 -4.42 -15.16 4.95
CA TRP E 23 -3.24 -14.34 4.71
C TRP E 23 -3.46 -12.88 5.06
N LEU E 24 -4.66 -12.37 4.82
CA LEU E 24 -4.92 -10.94 4.97
C LEU E 24 -5.68 -10.61 6.26
N LEU E 25 -5.62 -9.35 6.67
CA LEU E 25 -6.31 -8.88 7.85
C LEU E 25 -7.64 -8.22 7.48
N GLU E 26 -8.72 -8.69 8.07
CA GLU E 26 -10.05 -8.19 7.76
C GLU E 26 -10.44 -7.04 8.69
N VAL E 27 -10.06 -5.82 8.33
CA VAL E 27 -10.28 -4.65 9.17
C VAL E 27 -11.77 -4.31 9.26
N ARG E 28 -12.47 -4.39 8.13
CA ARG E 28 -13.90 -4.14 8.09
C ARG E 28 -14.58 -5.31 7.38
N ALA E 29 -15.91 -5.35 7.43
CA ALA E 29 -16.67 -6.42 6.80
C ALA E 29 -16.43 -6.49 5.30
N GLY E 30 -15.62 -7.45 4.87
CA GLY E 30 -15.34 -7.66 3.46
C GLY E 30 -14.14 -6.89 2.96
N VAL E 31 -13.45 -6.20 3.86
CA VAL E 31 -12.27 -5.41 3.50
C VAL E 31 -11.01 -6.01 4.10
N TYR E 32 -10.15 -6.56 3.25
CA TYR E 32 -8.93 -7.22 3.70
C TYR E 32 -7.68 -6.42 3.36
N VAL E 33 -6.72 -6.41 4.28
CA VAL E 33 -5.48 -5.67 4.09
C VAL E 33 -4.26 -6.55 4.37
N GLY E 34 -3.22 -6.40 3.56
CA GLY E 34 -1.99 -7.16 3.75
C GLY E 34 -0.82 -6.62 2.94
N ASP E 35 0.33 -7.25 3.11
CA ASP E 35 1.53 -6.89 2.35
C ASP E 35 2.20 -8.15 1.82
N VAL E 36 1.87 -8.52 0.59
CA VAL E 36 2.36 -9.78 0.02
C VAL E 36 3.22 -9.52 -1.22
N SER E 37 3.93 -10.56 -1.65
CA SER E 37 4.75 -10.43 -2.84
C SER E 37 3.89 -10.48 -4.09
N ALA E 38 4.52 -10.28 -5.24
CA ALA E 38 3.81 -10.30 -6.52
C ALA E 38 3.26 -11.69 -6.80
N LYS E 39 4.09 -12.70 -6.57
CA LYS E 39 3.75 -14.09 -6.84
C LYS E 39 2.54 -14.48 -6.00
N ILE E 40 2.57 -14.13 -4.72
CA ILE E 40 1.49 -14.43 -3.77
C ILE E 40 0.21 -13.67 -4.12
N ARG E 41 0.35 -12.41 -4.50
CA ARG E 41 -0.80 -11.60 -4.89
C ARG E 41 -1.59 -12.26 -6.02
N GLU E 42 -0.86 -12.81 -6.98
CA GLU E 42 -1.48 -13.48 -8.13
C GLU E 42 -2.18 -14.78 -7.74
N MET E 43 -1.64 -15.49 -6.75
CA MET E 43 -2.29 -16.72 -6.29
C MET E 43 -3.56 -16.39 -5.51
N ILE E 44 -3.55 -15.26 -4.80
CA ILE E 44 -4.73 -14.81 -4.07
C ILE E 44 -5.84 -14.49 -5.07
N TRP E 45 -5.47 -13.90 -6.20
CA TRP E 45 -6.43 -13.57 -7.25
C TRP E 45 -7.01 -14.86 -7.83
N GLU E 46 -6.18 -15.89 -7.91
CA GLU E 46 -6.64 -17.21 -8.35
C GLU E 46 -7.71 -17.72 -7.40
N GLN E 47 -7.52 -17.44 -6.12
CA GLN E 47 -8.51 -17.80 -5.10
C GLN E 47 -9.79 -17.00 -5.28
N ILE E 48 -9.65 -15.74 -5.67
CA ILE E 48 -10.80 -14.85 -5.85
C ILE E 48 -11.64 -15.27 -7.06
N ALA E 49 -10.99 -15.39 -8.22
CA ALA E 49 -11.67 -15.73 -9.46
C ALA E 49 -12.26 -17.13 -9.41
N GLY E 50 -11.73 -17.97 -8.53
CA GLY E 50 -12.17 -19.34 -8.42
C GLY E 50 -13.31 -19.56 -7.44
N LEU E 51 -13.29 -18.83 -6.33
CA LEU E 51 -14.27 -19.05 -5.28
C LEU E 51 -15.46 -18.10 -5.36
N ALA E 52 -15.26 -16.95 -6.02
CA ALA E 52 -16.34 -16.01 -6.29
C ALA E 52 -16.97 -16.33 -7.64
N GLU E 53 -18.30 -16.25 -7.72
CA GLU E 53 -18.98 -16.48 -8.99
C GLU E 53 -20.06 -15.43 -9.24
N GLU E 54 -20.94 -15.24 -8.27
CA GLU E 54 -22.02 -14.27 -8.40
C GLU E 54 -21.72 -13.05 -7.54
N GLY E 55 -20.50 -13.02 -7.00
CA GLY E 55 -20.07 -11.90 -6.17
C GLY E 55 -19.07 -11.03 -6.91
N ASN E 56 -18.87 -9.81 -6.40
CA ASN E 56 -17.97 -8.86 -7.03
C ASN E 56 -16.82 -8.46 -6.12
N VAL E 57 -15.60 -8.56 -6.64
CA VAL E 57 -14.40 -8.26 -5.85
C VAL E 57 -13.52 -7.23 -6.57
N VAL E 58 -12.96 -6.30 -5.80
CA VAL E 58 -11.97 -5.37 -6.34
C VAL E 58 -10.69 -5.44 -5.51
N MET E 59 -9.56 -5.57 -6.17
CA MET E 59 -8.27 -5.69 -5.48
C MET E 59 -7.30 -4.62 -5.95
N ALA E 60 -6.75 -3.86 -5.00
CA ALA E 60 -5.81 -2.80 -5.31
C ALA E 60 -4.47 -3.01 -4.61
N TRP E 61 -3.38 -2.90 -5.35
CA TRP E 61 -2.05 -3.09 -4.77
C TRP E 61 -1.10 -1.99 -5.23
N ALA E 62 -0.09 -1.70 -4.39
CA ALA E 62 0.86 -0.63 -4.68
C ALA E 62 1.87 -1.04 -5.75
N THR E 63 2.15 -0.13 -6.69
CA THR E 63 3.11 -0.39 -7.75
C THR E 63 4.01 0.80 -8.06
N ASN E 64 4.67 0.73 -9.21
CA ASN E 64 5.55 1.79 -9.68
C ASN E 64 4.92 2.53 -10.87
N THR E 65 3.61 2.40 -10.98
CA THR E 65 2.81 3.12 -11.98
C THR E 65 2.54 4.55 -11.51
N GLU E 66 1.89 5.34 -12.36
CA GLU E 66 1.72 6.76 -12.10
C GLU E 66 0.80 7.07 -10.92
N THR E 67 -0.23 6.26 -10.74
CA THR E 67 -1.09 6.37 -9.57
C THR E 67 -0.36 5.93 -8.30
N GLY E 68 0.64 5.08 -8.48
CA GLY E 68 1.39 4.53 -7.36
C GLY E 68 0.77 3.19 -6.98
N PHE E 69 -0.36 2.88 -7.60
CA PHE E 69 -1.08 1.65 -7.33
C PHE E 69 -1.90 1.20 -8.53
N GLU E 70 -2.32 -0.06 -8.53
CA GLU E 70 -3.16 -0.60 -9.61
C GLU E 70 -4.30 -1.43 -9.02
N PHE E 71 -5.44 -1.41 -9.68
CA PHE E 71 -6.58 -2.21 -9.22
C PHE E 71 -7.29 -2.93 -10.36
N GLN E 72 -7.71 -4.17 -10.09
CA GLN E 72 -8.52 -4.94 -11.04
C GLN E 72 -9.76 -5.51 -10.34
N THR E 73 -10.83 -5.66 -11.10
CA THR E 73 -12.11 -6.10 -10.53
C THR E 73 -12.58 -7.45 -11.07
N PHE E 74 -13.39 -8.13 -10.28
CA PHE E 74 -14.03 -9.37 -10.71
C PHE E 74 -15.55 -9.21 -10.57
N GLY E 75 -16.30 -9.79 -11.50
CA GLY E 75 -17.75 -9.69 -11.48
C GLY E 75 -18.25 -8.29 -11.75
N LEU E 76 -19.56 -8.08 -11.60
CA LEU E 76 -20.17 -6.78 -11.84
C LEU E 76 -20.58 -6.09 -10.55
N ASN E 77 -20.47 -4.77 -10.54
CA ASN E 77 -20.82 -3.98 -9.36
C ASN E 77 -21.41 -2.63 -9.75
N ARG E 78 -22.08 -1.98 -8.80
CA ARG E 78 -22.61 -0.63 -8.96
C ARG E 78 -21.55 0.34 -9.45
N ARG E 79 -20.33 0.17 -8.95
CA ARG E 79 -19.20 1.02 -9.30
C ARG E 79 -18.30 0.36 -10.34
N THR E 80 -18.35 0.88 -11.57
CA THR E 80 -17.54 0.35 -12.67
C THR E 80 -16.37 1.27 -13.01
N PRO E 81 -15.17 0.69 -13.15
CA PRO E 81 -13.97 1.46 -13.52
C PRO E 81 -14.00 2.00 -14.96
N VAL E 82 -13.44 3.20 -15.15
CA VAL E 82 -13.39 3.83 -16.47
C VAL E 82 -11.96 4.19 -16.86
N ASP E 83 -11.63 4.05 -18.14
CA ASP E 83 -10.30 4.39 -18.62
C ASP E 83 -10.28 5.77 -19.25
N LEU E 84 -9.63 6.72 -18.58
CA LEU E 84 -9.50 8.08 -19.10
C LEU E 84 -8.11 8.33 -19.65
N ASP E 85 -7.88 7.92 -20.89
CA ASP E 85 -6.59 8.06 -21.56
C ASP E 85 -5.46 7.39 -20.77
N GLY E 86 -5.72 6.18 -20.30
CA GLY E 86 -4.74 5.41 -19.57
C GLY E 86 -4.91 5.48 -18.07
N LEU E 87 -5.39 6.62 -17.57
CA LEU E 87 -5.65 6.77 -16.15
C LEU E 87 -7.03 6.21 -15.81
N ARG E 88 -7.06 5.21 -14.94
CA ARG E 88 -8.33 4.53 -14.64
C ARG E 88 -8.93 4.92 -13.30
N LEU E 89 -10.12 5.49 -13.34
CA LEU E 89 -10.89 5.84 -12.15
C LEU E 89 -12.08 4.90 -12.03
N VAL E 90 -13.11 5.31 -11.29
CA VAL E 90 -14.30 4.50 -11.13
C VAL E 90 -15.57 5.35 -11.18
N SER E 91 -16.56 4.89 -11.94
CA SER E 91 -17.81 5.61 -12.09
C SER E 91 -18.94 5.00 -11.28
N PHE E 92 -19.98 5.79 -11.05
CA PHE E 92 -21.17 5.34 -10.31
C PHE E 92 -22.37 5.24 -11.25
N LEU E 93 -22.87 4.02 -11.44
CA LEU E 93 -23.97 3.78 -12.36
C LEU E 93 -25.34 4.05 -11.72
N PRO E 94 -26.25 4.67 -12.48
CA PRO E 94 -27.61 4.97 -12.00
C PRO E 94 -28.60 3.85 -12.32
N VAL E 95 -29.01 3.12 -11.27
CA VAL E 95 -29.99 2.01 -11.34
C VAL E 95 -30.35 1.49 -12.73
N MET F 2 6.59 8.30 -0.51
CA MET F 2 5.16 8.19 -0.79
C MET F 2 4.72 6.73 -0.77
N SER F 3 3.76 6.42 0.09
CA SER F 3 3.30 5.04 0.26
C SER F 3 1.79 4.92 0.05
N MET F 4 1.33 3.69 -0.19
CA MET F 4 -0.08 3.42 -0.45
C MET F 4 -0.96 3.74 0.76
N LEU F 5 -2.17 4.22 0.48
CA LEU F 5 -3.09 4.63 1.54
C LEU F 5 -4.49 4.04 1.32
N VAL F 6 -5.12 3.60 2.41
CA VAL F 6 -6.48 3.05 2.34
C VAL F 6 -7.34 3.54 3.50
N VAL F 7 -8.47 4.14 3.17
CA VAL F 7 -9.39 4.67 4.18
C VAL F 7 -10.78 4.06 4.04
N VAL F 8 -11.26 3.44 5.11
CA VAL F 8 -12.58 2.82 5.11
C VAL F 8 -13.50 3.51 6.11
N THR F 9 -14.58 4.10 5.60
CA THR F 9 -15.49 4.89 6.44
C THR F 9 -16.88 4.27 6.58
N GLU F 10 -17.50 4.50 7.74
CA GLU F 10 -18.88 4.07 7.99
C GLU F 10 -19.62 5.12 8.82
N ASN F 11 -20.87 5.38 8.45
CA ASN F 11 -21.74 6.32 9.15
C ASN F 11 -21.13 7.71 9.34
N VAL F 12 -20.41 8.17 8.34
CA VAL F 12 -19.80 9.50 8.37
C VAL F 12 -20.61 10.46 7.52
N PRO F 13 -20.67 11.74 7.92
CA PRO F 13 -21.44 12.74 7.16
C PRO F 13 -20.87 12.95 5.75
N PRO F 14 -21.74 13.29 4.79
CA PRO F 14 -21.38 13.49 3.38
C PRO F 14 -20.18 14.42 3.18
N ARG F 15 -19.95 15.35 4.11
CA ARG F 15 -18.80 16.25 4.03
C ARG F 15 -17.47 15.49 3.96
N LEU F 16 -17.32 14.51 4.86
CA LEU F 16 -16.07 13.74 4.92
C LEU F 16 -15.92 12.86 3.70
N ARG F 17 -17.01 12.24 3.26
CA ARG F 17 -17.00 11.36 2.11
C ARG F 17 -16.55 12.09 0.86
N GLY F 18 -17.06 13.30 0.67
CA GLY F 18 -16.66 14.14 -0.44
C GLY F 18 -15.23 14.64 -0.32
N ARG F 19 -14.85 15.01 0.90
CA ARG F 19 -13.50 15.50 1.17
C ARG F 19 -12.43 14.48 0.79
N LEU F 20 -12.62 13.24 1.18
CA LEU F 20 -11.70 12.17 0.82
C LEU F 20 -11.64 11.98 -0.69
N ALA F 21 -12.72 12.32 -1.37
CA ALA F 21 -12.82 12.16 -2.81
C ALA F 21 -12.09 13.27 -3.56
N ILE F 22 -11.48 14.19 -2.81
CA ILE F 22 -10.70 15.27 -3.42
C ILE F 22 -9.31 14.76 -3.78
N TRP F 23 -8.82 13.79 -3.03
CA TRP F 23 -7.48 13.25 -3.24
C TRP F 23 -7.49 11.76 -3.58
N LEU F 24 -8.42 11.02 -2.96
CA LEU F 24 -8.42 9.57 -3.06
C LEU F 24 -9.47 9.03 -4.04
N LEU F 25 -9.27 7.79 -4.47
CA LEU F 25 -10.19 7.12 -5.37
C LEU F 25 -11.13 6.21 -4.59
N GLU F 26 -12.43 6.40 -4.78
CA GLU F 26 -13.43 5.63 -4.05
C GLU F 26 -13.86 4.38 -4.82
N VAL F 27 -13.13 3.29 -4.64
CA VAL F 27 -13.39 2.06 -5.37
C VAL F 27 -14.70 1.41 -4.96
N ARG F 28 -14.99 1.40 -3.66
CA ARG F 28 -16.24 0.87 -3.13
C ARG F 28 -16.88 1.88 -2.18
N ALA F 29 -18.12 1.62 -1.79
CA ALA F 29 -18.85 2.53 -0.90
C ALA F 29 -18.14 2.68 0.44
N GLY F 30 -17.45 3.80 0.61
CA GLY F 30 -16.76 4.11 1.86
C GLY F 30 -15.33 3.63 1.88
N VAL F 31 -14.87 3.08 0.75
CA VAL F 31 -13.50 2.57 0.66
C VAL F 31 -12.65 3.40 -0.29
N TYR F 32 -11.69 4.14 0.26
CA TYR F 32 -10.85 5.04 -0.52
C TYR F 32 -9.42 4.51 -0.64
N VAL F 33 -8.83 4.68 -1.81
CA VAL F 33 -7.47 4.23 -2.08
C VAL F 33 -6.64 5.36 -2.68
N GLY F 34 -5.37 5.45 -2.29
CA GLY F 34 -4.49 6.47 -2.82
C GLY F 34 -3.02 6.22 -2.51
N ASP F 35 -2.17 7.12 -3.01
CA ASP F 35 -0.73 7.04 -2.77
C ASP F 35 -0.20 8.41 -2.36
N VAL F 36 -0.11 8.65 -1.06
CA VAL F 36 0.28 9.97 -0.57
C VAL F 36 1.57 9.94 0.26
N SER F 37 2.13 11.11 0.50
CA SER F 37 3.33 11.27 1.31
C SER F 37 2.97 11.18 2.79
N ALA F 38 3.98 11.25 3.66
CA ALA F 38 3.76 11.18 5.10
C ALA F 38 2.93 12.37 5.57
N LYS F 39 3.30 13.57 5.17
CA LYS F 39 2.57 14.78 5.56
C LYS F 39 1.13 14.80 5.06
N ILE F 40 0.94 14.45 3.79
CA ILE F 40 -0.39 14.47 3.22
C ILE F 40 -1.28 13.48 3.95
N ARG F 41 -0.73 12.30 4.26
CA ARG F 41 -1.44 11.28 5.01
C ARG F 41 -1.90 11.82 6.36
N GLU F 42 -1.02 12.55 7.03
CA GLU F 42 -1.34 13.12 8.34
C GLU F 42 -2.39 14.20 8.19
N MET F 43 -2.37 14.89 7.05
CA MET F 43 -3.35 15.91 6.76
C MET F 43 -4.70 15.27 6.47
N ILE F 44 -4.66 14.09 5.86
CA ILE F 44 -5.89 13.33 5.58
C ILE F 44 -6.58 12.92 6.88
N TRP F 45 -5.78 12.49 7.85
CA TRP F 45 -6.31 12.07 9.14
C TRP F 45 -6.91 13.23 9.92
N GLU F 46 -6.30 14.40 9.81
CA GLU F 46 -6.82 15.61 10.44
C GLU F 46 -8.19 15.94 9.87
N GLN F 47 -8.36 15.70 8.57
CA GLN F 47 -9.66 15.88 7.93
C GLN F 47 -10.65 14.88 8.48
N ILE F 48 -10.18 13.67 8.76
CA ILE F 48 -11.04 12.59 9.26
C ILE F 48 -11.51 12.86 10.69
N ALA F 49 -10.57 13.11 11.60
CA ALA F 49 -10.89 13.29 13.00
C ALA F 49 -11.74 14.53 13.24
N GLY F 50 -11.67 15.48 12.32
CA GLY F 50 -12.40 16.72 12.45
C GLY F 50 -13.78 16.67 11.82
N LEU F 51 -13.90 15.97 10.71
CA LEU F 51 -15.14 15.97 9.93
C LEU F 51 -16.04 14.77 10.23
N ALA F 52 -15.49 13.73 10.82
CA ALA F 52 -16.32 12.58 11.20
C ALA F 52 -16.94 12.81 12.57
N GLU F 53 -18.22 12.49 12.66
CA GLU F 53 -18.97 12.63 13.91
C GLU F 53 -19.88 11.41 14.09
N GLU F 54 -19.72 10.73 15.23
CA GLU F 54 -20.48 9.52 15.55
C GLU F 54 -20.21 8.40 14.54
N GLY F 55 -19.24 8.61 13.66
CA GLY F 55 -18.87 7.63 12.66
C GLY F 55 -17.54 7.00 12.98
N ASN F 56 -17.26 5.85 12.37
CA ASN F 56 -16.02 5.14 12.61
C ASN F 56 -15.19 4.99 11.34
N VAL F 57 -13.92 5.39 11.43
CA VAL F 57 -13.03 5.34 10.28
C VAL F 57 -11.76 4.54 10.61
N VAL F 58 -11.30 3.75 9.65
CA VAL F 58 -10.03 3.05 9.76
C VAL F 58 -9.15 3.38 8.56
N MET F 59 -7.89 3.74 8.83
CA MET F 59 -6.97 4.12 7.78
C MET F 59 -5.70 3.26 7.84
N ALA F 60 -5.34 2.65 6.72
CA ALA F 60 -4.16 1.80 6.66
C ALA F 60 -3.17 2.28 5.60
N TRP F 61 -1.90 2.38 5.99
CA TRP F 61 -0.86 2.83 5.08
C TRP F 61 0.36 1.92 5.15
N ALA F 62 1.11 1.84 4.06
CA ALA F 62 2.28 0.96 3.97
C ALA F 62 3.48 1.56 4.72
N THR F 63 4.19 0.70 5.44
CA THR F 63 5.38 1.12 6.19
C THR F 63 6.51 0.11 6.02
N ASN F 64 7.50 0.19 6.91
CA ASN F 64 8.64 -0.72 6.81
C ASN F 64 8.63 -1.79 7.91
N THR F 65 7.48 -2.04 8.49
CA THR F 65 7.37 -3.15 9.42
C THR F 65 7.19 -4.41 8.59
N GLU F 66 7.31 -5.58 9.21
CA GLU F 66 7.30 -6.82 8.44
C GLU F 66 5.87 -7.12 8.01
N THR F 67 4.89 -6.63 8.78
CA THR F 67 3.50 -6.73 8.37
C THR F 67 3.33 -5.93 7.09
N GLY F 68 4.18 -4.94 6.92
CA GLY F 68 4.18 -4.12 5.71
C GLY F 68 3.31 -2.90 5.74
N PHE F 69 2.49 -2.79 6.78
CA PHE F 69 1.55 -1.68 6.88
C PHE F 69 1.18 -1.35 8.32
N GLU F 70 0.60 -0.18 8.51
CA GLU F 70 0.14 0.25 9.82
C GLU F 70 -1.28 0.80 9.70
N PHE F 71 -2.11 0.58 10.69
CA PHE F 71 -3.46 1.11 10.66
C PHE F 71 -3.90 1.68 12.01
N GLN F 72 -4.63 2.78 11.96
CA GLN F 72 -5.22 3.38 13.17
C GLN F 72 -6.69 3.67 12.94
N THR F 73 -7.48 3.63 14.01
CA THR F 73 -8.92 3.77 13.89
C THR F 73 -9.48 5.03 14.57
N PHE F 74 -10.63 5.48 14.08
CA PHE F 74 -11.36 6.58 14.68
C PHE F 74 -12.77 6.11 15.05
N GLY F 75 -13.29 6.60 16.15
CA GLY F 75 -14.62 6.22 16.60
C GLY F 75 -14.70 4.77 17.02
N LEU F 76 -15.92 4.30 17.27
CA LEU F 76 -16.14 2.92 17.71
C LEU F 76 -16.78 2.08 16.61
N ASN F 77 -16.41 0.81 16.56
CA ASN F 77 -16.92 -0.09 15.54
C ASN F 77 -17.11 -1.50 16.08
N ARG F 78 -17.93 -2.28 15.38
CA ARG F 78 -18.12 -3.70 15.69
C ARG F 78 -16.77 -4.42 15.74
N ARG F 79 -15.89 -4.04 14.81
CA ARG F 79 -14.56 -4.62 14.74
C ARG F 79 -13.52 -3.69 15.36
N THR F 80 -13.01 -4.08 16.52
CA THR F 80 -11.99 -3.30 17.23
C THR F 80 -10.63 -3.97 17.12
N PRO F 81 -9.58 -3.17 16.83
CA PRO F 81 -8.22 -3.71 16.73
C PRO F 81 -7.66 -4.19 18.06
N VAL F 82 -6.88 -5.26 18.02
CA VAL F 82 -6.29 -5.83 19.24
C VAL F 82 -4.77 -5.89 19.13
N ASP F 83 -4.08 -5.61 20.22
CA ASP F 83 -2.63 -5.65 20.23
C ASP F 83 -2.13 -6.96 20.83
N LEU F 84 -1.54 -7.81 19.99
CA LEU F 84 -0.99 -9.08 20.43
C LEU F 84 0.54 -9.02 20.49
N ASP F 85 1.04 -8.51 21.61
CA ASP F 85 2.47 -8.34 21.83
C ASP F 85 3.08 -7.45 20.74
N GLY F 86 2.40 -6.36 20.42
CA GLY F 86 2.89 -5.44 19.40
C GLY F 86 2.22 -5.66 18.06
N LEU F 87 1.83 -6.91 17.79
CA LEU F 87 1.15 -7.25 16.55
C LEU F 87 -0.33 -6.95 16.65
N ARG F 88 -0.82 -6.10 15.74
CA ARG F 88 -2.20 -5.65 15.82
C ARG F 88 -3.12 -6.39 14.85
N LEU F 89 -4.07 -7.12 15.41
CA LEU F 89 -5.11 -7.79 14.63
C LEU F 89 -6.44 -7.09 14.88
N VAL F 90 -7.55 -7.78 14.60
CA VAL F 90 -8.86 -7.20 14.83
C VAL F 90 -9.86 -8.24 15.34
N SER F 91 -10.59 -7.89 16.39
CA SER F 91 -11.56 -8.79 16.98
C SER F 91 -12.99 -8.42 16.59
N PHE F 92 -13.90 -9.38 16.72
CA PHE F 92 -15.30 -9.15 16.43
C PHE F 92 -16.13 -9.22 17.72
N LEU F 93 -16.71 -8.09 18.11
CA LEU F 93 -17.46 -8.02 19.35
C LEU F 93 -18.88 -8.55 19.15
N PRO F 94 -19.39 -9.31 20.14
CA PRO F 94 -20.72 -9.90 20.07
C PRO F 94 -21.82 -9.00 20.65
N VAL F 95 -23.04 -9.53 20.71
CA VAL F 95 -24.17 -8.81 21.28
C VAL F 95 -24.62 -9.46 22.58
#